data_4US9
#
_entry.id   4US9
#
_cell.length_a   143.766
_cell.length_b   143.766
_cell.length_c   162.544
_cell.angle_alpha   90.00
_cell.angle_beta   90.00
_cell.angle_gamma   120.00
#
_symmetry.space_group_name_H-M   'P 61 2 2'
#
loop_
_entity.id
_entity.type
_entity.pdbx_description
1 polymer 'ALDEHYDE OXIDOREDUCTASE'
2 non-polymer 'FE2/S2 (INORGANIC) CLUSTER'
3 non-polymer 3-PHENYLPROPANAL
4 non-polymer 'BICARBONATE ION'
5 non-polymer 'MAGNESIUM ION'
6 non-polymer 'CHLORIDE ION'
7 non-polymer '(MOLYBDOPTERIN-CYTOSINE DINUCLEOTIDE-S,S)-DIOXO-AQUA-MOLYBDENUM(V)'
8 water water
#
_entity_poly.entity_id   1
_entity_poly.type   'polypeptide(L)'
_entity_poly.pdbx_seq_one_letter_code
;MIQKVITVNGIEQNLFVDAEALLSDVLRQQLGLTGVKVGCEQGQCGACSVILDGKVVRACVTKMKRVADGAQITTIEGVG
QPENLHPLQKAWVLHGGAQCGFCSPGFIVSAKGLLDTNADPSREDVRDWFQKHRNACRCTGYKPLVDAVMDAAAVINGKK
PETDLEFKMPADGRIWGSKYPRPTAVAKVTGTLDYGADLGLKMPAGTLHLAMVQAKVSHANIKGIDTSEALTMPGVHSVI
THKDVKGKNRITGLITFPTNKGDGWDRPIL(CSO)DEKVFQYGDCIALVCADSEANARAAAEKVKVDLEELPAYMSGPAA
AAEDAIEIHPGTPNVYFEQPIVKGEDTGPIFASADVTVEGDFYVGRQPHMPIEPDVAFAYMGDDGKCYIHSKSIGVHLHL
YMIAPGVGLEPDQLVLVANPMGGTFGYKFSPTSEALVAVAAMATGRPVHLRYNYQQQQQYTGKRSPWEMNVKFAAKKDGT
LLAMESDWLVDHGPYSEFGDLLTLRGAQFIGAGYNIPNIRGLGRTVATNHVWGSAFRGYGAPQSMFASECLMDMLAEKLG
MDPLELRYKNAYRPGDTNPTGQEPEVFSLPDMIDQLRPKYQAALEKAQKESTATHKKGVGISIGVYGSGLDGPDASEAWA
ELNADGTITVHTAWEDHGQGADIGCVGTAHEALRPMGVAPEKIKFTWPNTATTPNSGPSGGSRQQVMTGNAIRVACENLL
KACEKPGGGYYTYDELKAADKPTKITGNWTASGATHCDAVTGLGKPFVVYMYGVFMAEVTVDVATGQTTVDGMTLMADLG
SLCNQLATDGQIYGGLAQGIGLALSEDFEDIKKHATLVGAGFPFIKQIPDKLDIVYVNHPRPDGPFGASGVGELPLTSPH
AAIINAIKSATGVRIYRLPAYPEKVLEALKA
;
_entity_poly.pdbx_strand_id   A
#
# COMPACT_ATOMS: atom_id res chain seq x y z
N MET A 1 32.46 16.33 -23.54
CA MET A 1 32.47 16.35 -22.04
C MET A 1 32.87 17.75 -21.66
N ILE A 2 32.51 18.16 -20.46
CA ILE A 2 32.92 19.46 -19.93
C ILE A 2 33.27 19.34 -18.44
N GLN A 3 34.26 20.12 -18.04
CA GLN A 3 34.59 20.34 -16.64
C GLN A 3 33.69 21.43 -16.07
N LYS A 4 33.09 21.18 -14.90
CA LYS A 4 32.30 22.18 -14.20
C LYS A 4 32.73 22.16 -12.74
N VAL A 5 33.19 23.30 -12.25
CA VAL A 5 33.61 23.44 -10.88
C VAL A 5 32.47 24.15 -10.15
N ILE A 6 31.85 23.42 -9.22
CA ILE A 6 30.65 23.86 -8.52
C ILE A 6 30.81 23.51 -7.05
N THR A 7 29.83 23.87 -6.22
CA THR A 7 29.82 23.51 -4.82
CA THR A 7 29.86 23.41 -4.85
C THR A 7 28.60 22.62 -4.56
N VAL A 8 28.82 21.45 -3.95
CA VAL A 8 27.75 20.50 -3.64
C VAL A 8 27.79 20.26 -2.13
N ASN A 9 26.70 20.58 -1.46
CA ASN A 9 26.60 20.43 -0.01
C ASN A 9 27.79 21.11 0.68
N GLY A 10 28.14 22.29 0.19
CA GLY A 10 29.19 23.10 0.80
C GLY A 10 30.60 22.80 0.43
N ILE A 11 30.82 21.83 -0.45
N ILE A 11 30.82 21.74 -0.37
CA ILE A 11 32.17 21.45 -0.78
CA ILE A 11 32.14 21.18 -0.71
C ILE A 11 32.40 21.60 -2.28
C ILE A 11 32.39 21.43 -2.20
N GLU A 12 33.53 22.19 -2.64
N GLU A 12 33.48 22.11 -2.54
CA GLU A 12 33.87 22.34 -4.04
CA GLU A 12 33.80 22.33 -3.94
C GLU A 12 34.05 20.97 -4.69
C GLU A 12 34.02 20.99 -4.64
N GLN A 13 33.33 20.75 -5.79
N GLN A 13 33.52 20.92 -5.87
CA GLN A 13 33.51 19.58 -6.63
CA GLN A 13 33.46 19.69 -6.64
C GLN A 13 34.07 20.01 -7.97
C GLN A 13 33.96 19.91 -8.07
N ASN A 14 35.06 19.25 -8.42
CA ASN A 14 35.65 19.36 -9.75
C ASN A 14 35.01 18.30 -10.63
N LEU A 15 33.89 18.65 -11.30
CA LEU A 15 33.05 17.67 -11.96
C LEU A 15 33.38 17.53 -13.43
N PHE A 16 33.31 16.31 -13.91
CA PHE A 16 33.46 16.02 -15.33
C PHE A 16 32.20 15.30 -15.81
N VAL A 17 31.48 15.97 -16.69
CA VAL A 17 30.15 15.55 -17.06
C VAL A 17 29.88 15.71 -18.55
N ASP A 18 28.90 14.94 -19.00
CA ASP A 18 28.24 15.19 -20.29
C ASP A 18 27.23 16.30 -20.05
N ALA A 19 27.23 17.33 -20.91
CA ALA A 19 26.29 18.42 -20.79
C ALA A 19 24.82 17.98 -20.89
N GLU A 20 24.57 16.86 -21.57
CA GLU A 20 23.23 16.32 -21.69
C GLU A 20 22.84 15.38 -20.55
N ALA A 21 23.77 15.04 -19.67
CA ALA A 21 23.45 14.14 -18.56
C ALA A 21 22.47 14.78 -17.61
N LEU A 22 21.66 13.94 -16.97
CA LEU A 22 20.71 14.39 -15.97
C LEU A 22 21.42 14.59 -14.63
N LEU A 23 21.07 15.68 -13.96
CA LEU A 23 21.66 16.00 -12.66
C LEU A 23 21.40 14.85 -11.66
N SER A 24 20.22 14.21 -11.73
CA SER A 24 19.95 13.09 -10.82
C SER A 24 21.00 11.96 -10.96
N ASP A 25 21.33 11.63 -12.21
CA ASP A 25 22.32 10.59 -12.45
C ASP A 25 23.71 11.03 -12.01
N VAL A 26 24.08 12.27 -12.30
CA VAL A 26 25.39 12.77 -11.87
C VAL A 26 25.50 12.69 -10.34
N LEU A 27 24.49 13.20 -9.64
CA LEU A 27 24.52 13.22 -8.18
C LEU A 27 24.55 11.81 -7.61
N ARG A 28 23.64 10.94 -8.09
CA ARG A 28 23.57 9.57 -7.54
C ARG A 28 24.75 8.69 -7.93
N GLN A 29 25.07 8.68 -9.22
CA GLN A 29 26.05 7.72 -9.75
CA GLN A 29 26.05 7.73 -9.76
C GLN A 29 27.49 8.24 -9.68
N GLN A 30 27.72 9.46 -10.13
CA GLN A 30 29.07 9.98 -10.11
C GLN A 30 29.51 10.38 -8.73
N LEU A 31 28.60 11.00 -7.95
CA LEU A 31 28.98 11.52 -6.62
C LEU A 31 28.49 10.65 -5.46
N GLY A 32 27.72 9.61 -5.72
CA GLY A 32 27.30 8.73 -4.66
C GLY A 32 26.20 9.26 -3.75
N LEU A 33 25.52 10.33 -4.15
CA LEU A 33 24.53 10.99 -3.29
C LEU A 33 23.18 10.33 -3.52
N THR A 34 23.07 9.10 -2.99
CA THR A 34 21.84 8.31 -3.16
C THR A 34 20.69 8.81 -2.29
N GLY A 35 20.93 9.84 -1.47
CA GLY A 35 19.84 10.56 -0.83
C GLY A 35 18.94 11.32 -1.78
N VAL A 36 19.43 11.55 -3.01
CA VAL A 36 18.58 12.10 -4.07
C VAL A 36 17.79 10.92 -4.63
N LYS A 37 16.51 10.82 -4.28
CA LYS A 37 15.72 9.67 -4.69
C LYS A 37 15.09 9.92 -6.03
N VAL A 38 15.03 8.87 -6.84
CA VAL A 38 14.39 8.90 -8.15
C VAL A 38 13.26 7.89 -8.22
N GLY A 39 12.06 8.41 -8.54
CA GLY A 39 10.86 7.60 -8.70
C GLY A 39 10.39 7.61 -10.14
N CYS A 40 9.60 8.62 -10.47
CA CYS A 40 8.93 8.70 -11.78
C CYS A 40 9.85 8.95 -12.97
N GLU A 41 10.99 9.62 -12.75
CA GLU A 41 11.90 10.06 -13.83
C GLU A 41 11.30 10.99 -14.85
N GLN A 42 10.17 11.65 -14.53
CA GLN A 42 9.46 12.47 -15.50
C GLN A 42 9.04 13.82 -14.93
N GLY A 43 9.64 14.23 -13.81
CA GLY A 43 9.36 15.56 -13.27
C GLY A 43 8.02 15.70 -12.56
N GLN A 44 7.36 14.58 -12.23
CA GLN A 44 6.02 14.61 -11.66
C GLN A 44 5.87 14.33 -10.18
N CYS A 45 6.94 13.87 -9.51
CA CYS A 45 6.83 13.37 -8.13
C CYS A 45 7.64 14.12 -7.09
N GLY A 46 8.63 14.91 -7.52
CA GLY A 46 9.46 15.66 -6.57
C GLY A 46 10.47 14.90 -5.72
N ALA A 47 10.56 13.58 -5.86
CA ALA A 47 11.44 12.80 -4.99
C ALA A 47 12.92 13.21 -5.13
N CYS A 48 13.25 13.68 -6.34
CA CYS A 48 14.61 14.07 -6.70
C CYS A 48 14.90 15.57 -6.52
N SER A 49 14.06 16.23 -5.72
CA SER A 49 14.22 17.67 -5.48
C SER A 49 15.60 17.98 -4.92
N VAL A 50 16.26 19.00 -5.49
CA VAL A 50 17.52 19.54 -5.00
C VAL A 50 17.41 21.05 -5.06
N ILE A 51 18.23 21.73 -4.27
CA ILE A 51 18.32 23.20 -4.38
C ILE A 51 19.49 23.52 -5.30
N LEU A 52 19.21 24.28 -6.36
N LEU A 52 19.21 24.32 -6.32
CA LEU A 52 20.21 24.72 -7.32
CA LEU A 52 20.21 24.71 -7.31
C LEU A 52 20.12 26.25 -7.34
C LEU A 52 20.16 26.23 -7.42
N ASP A 53 21.17 26.90 -6.87
CA ASP A 53 21.22 28.38 -6.86
C ASP A 53 19.94 28.99 -6.29
N GLY A 54 19.51 28.44 -5.17
CA GLY A 54 18.36 28.96 -4.40
C GLY A 54 16.99 28.54 -4.85
N LYS A 55 16.92 27.77 -5.94
CA LYS A 55 15.65 27.30 -6.47
C LYS A 55 15.54 25.81 -6.26
N VAL A 56 14.34 25.34 -5.95
CA VAL A 56 14.10 23.90 -5.84
C VAL A 56 13.78 23.37 -7.23
N VAL A 57 14.59 22.43 -7.71
CA VAL A 57 14.44 21.85 -9.04
C VAL A 57 14.38 20.32 -8.94
N ARG A 58 13.73 19.70 -9.92
CA ARG A 58 13.70 18.26 -10.01
C ARG A 58 14.95 17.82 -10.80
N ALA A 59 15.88 17.16 -10.10
CA ALA A 59 17.15 16.77 -10.70
C ALA A 59 16.96 15.82 -11.90
N CYS A 60 15.86 15.05 -11.93
CA CYS A 60 15.67 14.06 -13.01
C CYS A 60 15.32 14.71 -14.35
N VAL A 61 14.96 16.01 -14.33
CA VAL A 61 14.61 16.74 -15.56
C VAL A 61 15.49 18.00 -15.68
N THR A 62 16.66 17.99 -15.02
CA THR A 62 17.61 19.09 -15.11
C THR A 62 18.90 18.57 -15.74
N LYS A 63 19.21 19.01 -16.95
CA LYS A 63 20.45 18.59 -17.60
C LYS A 63 21.63 19.41 -17.11
N MET A 64 22.83 18.84 -17.19
CA MET A 64 24.02 19.51 -16.69
C MET A 64 24.32 20.83 -17.37
N LYS A 65 23.89 20.98 -18.62
CA LYS A 65 24.06 22.26 -19.30
C LYS A 65 23.36 23.43 -18.60
N ARG A 66 22.40 23.12 -17.73
CA ARG A 66 21.71 24.13 -16.93
C ARG A 66 22.37 24.46 -15.60
N VAL A 67 23.48 23.78 -15.30
CA VAL A 67 24.22 24.00 -14.08
C VAL A 67 25.44 24.82 -14.47
N ALA A 68 25.46 26.05 -14.00
CA ALA A 68 26.55 26.96 -14.33
C ALA A 68 27.79 26.68 -13.53
N ASP A 69 28.92 27.04 -14.09
N ASP A 69 28.97 26.99 -14.10
CA ASP A 69 30.14 27.10 -13.33
CA ASP A 69 30.21 27.05 -13.31
C ASP A 69 29.92 27.94 -12.09
C ASP A 69 29.90 27.90 -12.09
N GLY A 70 30.33 27.42 -10.93
CA GLY A 70 30.14 28.14 -9.68
C GLY A 70 28.79 27.95 -9.02
N ALA A 71 27.93 27.13 -9.61
CA ALA A 71 26.65 26.84 -9.01
C ALA A 71 26.77 26.24 -7.63
N GLN A 72 25.73 26.44 -6.85
CA GLN A 72 25.58 25.87 -5.51
C GLN A 72 24.43 24.86 -5.54
N ILE A 73 24.69 23.63 -5.11
CA ILE A 73 23.68 22.58 -5.03
C ILE A 73 23.61 22.06 -3.62
N THR A 74 22.38 21.81 -3.16
CA THR A 74 22.12 21.17 -1.86
C THR A 74 21.21 19.98 -2.07
N THR A 75 21.63 18.82 -1.56
CA THR A 75 20.83 17.60 -1.51
C THR A 75 20.53 17.31 -0.04
N ILE A 76 19.77 16.25 0.24
CA ILE A 76 19.45 15.94 1.64
C ILE A 76 20.72 15.78 2.50
N GLU A 77 21.77 15.22 1.90
CA GLU A 77 23.05 15.04 2.63
C GLU A 77 23.62 16.36 3.12
N GLY A 78 23.32 17.45 2.43
CA GLY A 78 23.76 18.78 2.85
C GLY A 78 22.82 19.50 3.81
N VAL A 79 21.59 19.02 3.94
CA VAL A 79 20.66 19.58 4.90
C VAL A 79 21.04 19.15 6.32
N GLY A 80 21.33 17.88 6.48
CA GLY A 80 21.77 17.37 7.76
C GLY A 80 22.02 15.88 7.67
N GLN A 81 22.70 15.36 8.70
CA GLN A 81 23.14 13.96 8.76
C GLN A 81 22.72 13.42 10.12
N PRO A 82 22.78 12.08 10.31
N PRO A 82 22.81 12.09 10.31
CA PRO A 82 22.47 11.60 11.64
CA PRO A 82 22.33 11.51 11.56
C PRO A 82 23.42 12.20 12.67
C PRO A 82 22.85 12.14 12.86
N GLU A 83 22.89 12.61 13.82
N GLU A 83 24.10 12.52 12.98
CA GLU A 83 23.63 13.34 14.84
CA GLU A 83 24.48 13.16 14.25
C GLU A 83 24.05 14.76 14.43
C GLU A 83 24.35 14.70 14.24
N ASN A 84 23.64 15.22 13.25
CA ASN A 84 23.62 16.63 12.95
C ASN A 84 22.37 16.95 12.12
N LEU A 85 21.23 16.70 12.74
CA LEU A 85 19.95 16.87 12.07
C LEU A 85 19.53 18.33 12.00
N HIS A 86 18.97 18.71 10.85
CA HIS A 86 18.38 20.03 10.65
C HIS A 86 17.02 20.08 11.38
N PRO A 87 16.54 21.25 11.79
CA PRO A 87 15.18 21.31 12.35
C PRO A 87 14.10 20.63 11.50
N LEU A 88 14.16 20.74 10.16
CA LEU A 88 13.18 20.04 9.34
C LEU A 88 13.24 18.53 9.50
N GLN A 89 14.44 18.00 9.60
CA GLN A 89 14.61 16.56 9.80
C GLN A 89 14.11 16.13 11.17
N LYS A 90 14.44 16.89 12.22
CA LYS A 90 13.92 16.57 13.55
C LYS A 90 12.40 16.63 13.57
N ALA A 91 11.83 17.65 12.93
CA ALA A 91 10.38 17.83 12.89
C ALA A 91 9.71 16.64 12.16
N TRP A 92 10.31 16.19 11.06
CA TRP A 92 9.77 15.05 10.32
C TRP A 92 9.70 13.82 11.21
N VAL A 93 10.78 13.57 11.95
CA VAL A 93 10.83 12.44 12.88
C VAL A 93 9.72 12.55 13.94
N LEU A 94 9.60 13.73 14.54
CA LEU A 94 8.64 13.95 15.63
C LEU A 94 7.19 13.80 15.17
N HIS A 95 6.90 14.27 13.96
CA HIS A 95 5.55 14.25 13.41
C HIS A 95 5.23 13.01 12.59
N GLY A 96 6.19 12.09 12.48
CA GLY A 96 5.89 10.83 11.82
C GLY A 96 5.76 10.93 10.31
N GLY A 97 6.39 11.94 9.71
CA GLY A 97 6.26 12.13 8.27
C GLY A 97 6.94 11.12 7.39
N ALA A 98 7.92 10.38 7.93
CA ALA A 98 8.56 9.29 7.17
C ALA A 98 7.83 8.00 7.47
N GLN A 99 6.98 7.57 6.53
CA GLN A 99 6.38 6.21 6.61
C GLN A 99 7.31 5.35 5.76
N CYS A 100 7.06 5.16 4.47
CA CYS A 100 8.07 4.49 3.66
C CYS A 100 9.36 5.29 3.58
N GLY A 101 9.27 6.61 3.68
CA GLY A 101 10.43 7.50 3.67
C GLY A 101 10.97 7.86 2.30
N PHE A 102 10.38 7.32 1.24
CA PHE A 102 10.99 7.51 -0.07
C PHE A 102 10.90 8.95 -0.55
N CYS A 103 9.81 9.64 -0.19
CA CYS A 103 9.61 11.06 -0.52
C CYS A 103 10.28 12.00 0.46
N SER A 104 10.79 11.49 1.59
CA SER A 104 11.18 12.38 2.70
C SER A 104 12.34 13.32 2.31
N PRO A 105 13.40 12.78 1.66
CA PRO A 105 14.47 13.71 1.27
C PRO A 105 13.97 14.84 0.38
N GLY A 106 13.14 14.49 -0.62
CA GLY A 106 12.67 15.53 -1.54
C GLY A 106 11.78 16.55 -0.87
N PHE A 107 10.87 16.12 -0.01
CA PHE A 107 10.01 17.08 0.72
C PHE A 107 10.87 17.98 1.62
N ILE A 108 11.88 17.40 2.29
CA ILE A 108 12.67 18.17 3.25
C ILE A 108 13.54 19.19 2.51
N VAL A 109 14.18 18.78 1.41
CA VAL A 109 14.94 19.74 0.61
C VAL A 109 14.00 20.83 0.06
N SER A 110 12.84 20.42 -0.47
CA SER A 110 11.89 21.40 -0.97
C SER A 110 11.44 22.36 0.12
N ALA A 111 11.18 21.83 1.31
CA ALA A 111 10.78 22.66 2.45
C ALA A 111 11.87 23.63 2.89
N LYS A 112 13.14 23.20 2.83
CA LYS A 112 14.23 24.13 3.13
C LYS A 112 14.19 25.28 2.11
N GLY A 113 13.99 24.96 0.83
CA GLY A 113 13.84 26.02 -0.18
C GLY A 113 12.69 26.98 0.15
N LEU A 114 11.56 26.44 0.60
CA LEU A 114 10.43 27.28 1.01
C LEU A 114 10.86 28.19 2.14
N LEU A 115 11.42 27.62 3.20
CA LEU A 115 11.70 28.44 4.38
C LEU A 115 12.81 29.46 4.15
N ASP A 116 13.68 29.22 3.17
CA ASP A 116 14.72 30.17 2.79
C ASP A 116 14.15 31.34 1.99
N THR A 117 12.90 31.21 1.51
CA THR A 117 12.22 32.32 0.80
C THR A 117 11.03 32.93 1.56
N ASN A 118 10.44 32.15 2.47
CA ASN A 118 9.29 32.57 3.27
C ASN A 118 9.47 31.91 4.63
N ALA A 119 10.00 32.67 5.58
CA ALA A 119 10.38 32.12 6.85
C ALA A 119 9.21 31.71 7.72
N ASP A 120 8.04 32.34 7.53
CA ASP A 120 6.88 32.14 8.39
C ASP A 120 5.65 31.85 7.53
N PRO A 121 5.67 30.70 6.84
CA PRO A 121 4.55 30.40 5.94
C PRO A 121 3.27 30.03 6.72
N SER A 122 2.13 30.32 6.13
CA SER A 122 0.88 29.72 6.57
C SER A 122 0.82 28.26 6.12
N ARG A 123 -0.09 27.47 6.70
CA ARG A 123 -0.28 26.10 6.22
C ARG A 123 -0.62 26.09 4.73
N GLU A 124 -1.45 27.05 4.28
CA GLU A 124 -1.79 27.10 2.86
C GLU A 124 -0.58 27.47 2.01
N ASP A 125 0.32 28.32 2.51
CA ASP A 125 1.57 28.59 1.80
C ASP A 125 2.39 27.30 1.61
N VAL A 126 2.46 26.48 2.64
CA VAL A 126 3.20 25.22 2.57
C VAL A 126 2.58 24.32 1.50
N ARG A 127 1.25 24.19 1.55
CA ARG A 127 0.54 23.37 0.56
C ARG A 127 0.74 23.88 -0.87
N ASP A 128 0.65 25.20 -1.05
CA ASP A 128 0.88 25.79 -2.36
C ASP A 128 2.30 25.48 -2.87
N TRP A 129 3.27 25.53 -1.97
CA TRP A 129 4.67 25.28 -2.34
C TRP A 129 4.89 23.85 -2.80
N PHE A 130 4.38 22.90 -2.02
CA PHE A 130 4.52 21.50 -2.41
C PHE A 130 3.73 21.17 -3.68
N GLN A 131 2.60 21.84 -3.90
CA GLN A 131 1.88 21.66 -5.16
C GLN A 131 2.74 22.15 -6.36
N LYS A 132 3.30 23.34 -6.23
N LYS A 132 3.27 23.36 -6.23
CA LYS A 132 4.07 23.96 -7.31
CA LYS A 132 4.08 23.97 -7.29
C LYS A 132 5.34 23.19 -7.63
C LYS A 132 5.27 23.08 -7.64
N HIS A 133 5.94 22.59 -6.60
CA HIS A 133 7.19 21.83 -6.75
C HIS A 133 6.94 20.32 -6.94
N ARG A 134 5.67 19.93 -7.05
N ARG A 134 5.67 19.91 -7.03
CA ARG A 134 5.25 18.55 -7.37
CA ARG A 134 5.33 18.53 -7.41
C ARG A 134 5.77 17.52 -6.38
C ARG A 134 5.79 17.51 -6.39
N ASN A 135 5.84 17.90 -5.11
CA ASN A 135 6.24 16.96 -4.08
C ASN A 135 5.06 16.02 -3.75
N ALA A 136 5.21 14.75 -4.15
CA ALA A 136 4.13 13.73 -4.09
C ALA A 136 4.43 12.74 -2.94
N CYS A 137 3.39 12.37 -2.21
CA CYS A 137 3.49 11.33 -1.16
C CYS A 137 2.29 10.45 -1.29
N ARG A 138 2.50 9.13 -1.25
CA ARG A 138 1.42 8.14 -1.29
C ARG A 138 1.07 7.55 0.06
N CYS A 139 1.90 7.81 1.07
CA CYS A 139 1.72 7.17 2.38
C CYS A 139 0.98 8.03 3.43
N THR A 140 1.24 9.34 3.46
CA THR A 140 0.94 10.15 4.66
C THR A 140 -0.31 10.99 4.59
N GLY A 141 -0.89 11.18 3.40
CA GLY A 141 -1.97 12.14 3.24
C GLY A 141 -1.57 13.59 3.41
N TYR A 142 -0.25 13.85 3.42
CA TYR A 142 0.34 15.22 3.42
C TYR A 142 0.25 15.99 4.73
N LYS A 143 -0.83 15.83 5.50
N LYS A 143 -0.84 15.82 5.48
CA LYS A 143 -1.00 16.62 6.72
CA LYS A 143 -1.04 16.58 6.73
C LYS A 143 0.19 16.52 7.69
C LYS A 143 0.17 16.52 7.67
N PRO A 144 0.75 15.31 7.91
CA PRO A 144 1.92 15.25 8.82
C PRO A 144 3.13 16.04 8.32
N LEU A 145 3.24 16.12 6.99
CA LEU A 145 4.36 16.83 6.34
C LEU A 145 4.21 18.33 6.58
N VAL A 146 2.98 18.83 6.40
CA VAL A 146 2.72 20.24 6.67
C VAL A 146 2.94 20.54 8.17
N ASP A 147 2.47 19.65 9.04
CA ASP A 147 2.70 19.83 10.48
C ASP A 147 4.21 19.99 10.78
N ALA A 148 5.02 19.14 10.16
CA ALA A 148 6.47 19.17 10.41
C ALA A 148 7.09 20.49 9.93
N VAL A 149 6.69 20.94 8.75
CA VAL A 149 7.23 22.21 8.23
C VAL A 149 6.90 23.34 9.18
N MET A 150 5.65 23.40 9.66
CA MET A 150 5.23 24.50 10.54
C MET A 150 6.04 24.49 11.84
N ASP A 151 6.28 23.29 12.37
CA ASP A 151 7.00 23.20 13.67
C ASP A 151 8.47 23.61 13.46
N ALA A 152 9.08 23.14 12.37
CA ALA A 152 10.46 23.52 12.08
C ALA A 152 10.59 25.02 11.89
N ALA A 153 9.63 25.62 11.18
CA ALA A 153 9.69 27.05 10.95
C ALA A 153 9.65 27.81 12.27
N ALA A 154 8.83 27.35 13.21
CA ALA A 154 8.73 28.03 14.50
C ALA A 154 10.07 28.01 15.25
N VAL A 155 10.80 26.90 15.14
CA VAL A 155 12.10 26.79 15.79
C VAL A 155 13.11 27.69 15.09
N ILE A 156 13.15 27.62 13.76
CA ILE A 156 14.13 28.40 13.02
C ILE A 156 13.88 29.89 13.30
N ASN A 157 12.61 30.25 13.49
CA ASN A 157 12.20 31.64 13.80
C ASN A 157 12.38 32.09 15.24
N GLY A 158 12.81 31.16 16.09
CA GLY A 158 13.11 31.50 17.47
C GLY A 158 11.90 31.54 18.39
N LYS A 159 10.78 30.96 17.95
CA LYS A 159 9.53 31.03 18.72
C LYS A 159 9.40 29.91 19.76
N LYS A 160 10.13 28.83 19.52
CA LYS A 160 10.23 27.73 20.47
C LYS A 160 11.63 27.16 20.34
N PRO A 161 12.12 26.53 21.43
CA PRO A 161 13.46 26.01 21.41
C PRO A 161 13.55 24.75 20.56
N GLU A 162 14.71 24.56 19.97
CA GLU A 162 14.96 23.38 19.16
C GLU A 162 14.78 22.05 19.93
N THR A 163 15.02 22.06 21.24
CA THR A 163 14.82 20.86 22.07
C THR A 163 13.36 20.35 22.05
N ASP A 164 12.43 21.23 21.74
CA ASP A 164 11.03 20.84 21.62
C ASP A 164 10.73 19.99 20.39
N LEU A 165 11.69 19.89 19.47
CA LEU A 165 11.56 18.95 18.35
C LEU A 165 12.02 17.54 18.72
N GLU A 166 12.45 17.32 19.96
CA GLU A 166 12.91 16.00 20.42
C GLU A 166 11.80 15.38 21.28
N PHE A 167 11.50 14.12 21.02
CA PHE A 167 10.46 13.42 21.76
C PHE A 167 10.70 13.45 23.26
N LYS A 168 9.62 13.75 23.98
CA LYS A 168 9.61 13.77 25.44
CA LYS A 168 9.62 13.77 25.44
C LYS A 168 8.96 12.48 25.95
N MET A 169 9.71 11.67 26.69
CA MET A 169 9.15 10.42 27.22
C MET A 169 7.95 10.69 28.15
N PRO A 170 6.83 9.96 27.94
CA PRO A 170 5.62 10.13 28.79
C PRO A 170 5.90 9.96 30.29
N ALA A 171 6.95 9.22 30.63
CA ALA A 171 7.50 9.30 32.03
C ALA A 171 6.81 8.42 33.08
N ASP A 172 5.64 7.87 32.79
CA ASP A 172 5.34 6.53 33.30
C ASP A 172 6.17 5.53 32.48
N GLY A 173 6.77 6.00 31.39
N GLY A 173 6.76 6.04 31.40
CA GLY A 173 7.32 5.12 30.37
CA GLY A 173 7.83 5.33 30.71
C GLY A 173 6.21 4.90 29.37
C GLY A 173 7.23 4.44 29.65
N ARG A 174 5.64 3.71 29.39
N ARG A 174 5.93 4.57 29.43
CA ARG A 174 4.69 3.31 28.36
CA ARG A 174 5.17 3.76 28.47
C ARG A 174 4.97 4.08 27.06
C ARG A 174 5.20 4.28 27.04
N ILE A 175 5.68 3.43 26.16
CA ILE A 175 5.68 3.90 24.74
CA ILE A 175 5.76 3.70 24.77
C ILE A 175 4.46 3.32 24.00
N TRP A 176 3.83 2.24 24.46
CA TRP A 176 2.57 1.79 23.88
C TRP A 176 1.57 2.92 24.00
N GLY A 177 0.95 3.26 22.87
CA GLY A 177 -0.07 4.30 22.81
C GLY A 177 0.45 5.71 22.62
N SER A 178 1.78 5.87 22.59
CA SER A 178 2.43 7.17 22.53
C SER A 178 2.74 7.57 21.09
N LYS A 179 3.42 8.71 20.98
CA LYS A 179 3.96 9.20 19.70
C LYS A 179 5.48 8.97 19.58
N TYR A 180 5.96 7.92 20.23
CA TYR A 180 7.37 7.60 20.13
C TYR A 180 7.78 7.46 18.64
N PRO A 181 8.87 8.11 18.21
CA PRO A 181 9.25 8.02 16.80
C PRO A 181 9.68 6.64 16.37
N ARG A 182 9.55 6.35 15.09
CA ARG A 182 9.91 5.04 14.59
C ARG A 182 11.45 4.92 14.38
N PRO A 183 12.02 3.73 14.64
CA PRO A 183 13.47 3.57 14.57
C PRO A 183 14.12 3.97 13.25
N THR A 184 13.44 3.72 12.14
CA THR A 184 13.97 3.99 10.80
C THR A 184 13.87 5.47 10.40
N ALA A 185 13.22 6.32 11.21
CA ALA A 185 12.94 7.70 10.76
C ALA A 185 14.23 8.46 10.47
N VAL A 186 15.24 8.39 11.36
CA VAL A 186 16.46 9.16 11.16
C VAL A 186 17.12 8.83 9.82
N ALA A 187 17.21 7.53 9.50
CA ALA A 187 17.82 7.13 8.25
C ALA A 187 17.02 7.67 7.05
N LYS A 188 15.69 7.59 7.15
CA LYS A 188 14.84 8.05 6.07
C LYS A 188 14.99 9.55 5.81
N VAL A 189 15.00 10.36 6.87
CA VAL A 189 15.03 11.80 6.71
C VAL A 189 16.40 12.34 6.35
N THR A 190 17.45 11.50 6.47
CA THR A 190 18.81 11.87 6.10
C THR A 190 19.22 11.23 4.77
N GLY A 191 18.34 10.45 4.12
CA GLY A 191 18.74 9.80 2.87
C GLY A 191 19.77 8.71 3.03
N THR A 192 19.87 8.11 4.23
CA THR A 192 20.87 7.09 4.52
C THR A 192 20.30 5.68 4.67
N LEU A 193 19.03 5.51 4.32
CA LEU A 193 18.39 4.17 4.20
C LEU A 193 18.46 3.80 2.72
N ASP A 194 19.11 2.68 2.41
CA ASP A 194 19.28 2.28 1.02
C ASP A 194 18.12 1.40 0.56
N TYR A 195 17.36 1.95 -0.39
CA TYR A 195 16.29 1.25 -1.07
C TYR A 195 16.90 0.43 -2.21
N GLY A 196 16.10 -0.39 -2.89
CA GLY A 196 16.68 -1.30 -3.86
C GLY A 196 17.48 -0.67 -4.99
N ALA A 197 17.04 0.47 -5.52
CA ALA A 197 17.82 1.13 -6.58
C ALA A 197 19.16 1.67 -6.04
N ASP A 198 19.12 2.17 -4.80
CA ASP A 198 20.31 2.66 -4.12
C ASP A 198 21.35 1.53 -3.97
N LEU A 199 20.85 0.38 -3.52
CA LEU A 199 21.70 -0.82 -3.36
C LEU A 199 22.31 -1.22 -4.70
N GLY A 200 21.54 -1.12 -5.77
CA GLY A 200 22.09 -1.43 -7.09
C GLY A 200 23.29 -0.58 -7.47
N LEU A 201 23.26 0.71 -7.10
CA LEU A 201 24.40 1.59 -7.40
C LEU A 201 25.64 1.26 -6.55
N LYS A 202 25.41 0.55 -5.44
N LYS A 202 25.41 0.58 -5.42
CA LYS A 202 26.47 0.24 -4.47
CA LYS A 202 26.48 0.26 -4.48
C LYS A 202 26.89 -1.23 -4.55
C LYS A 202 26.97 -1.19 -4.62
N MET A 203 26.45 -1.94 -5.59
CA MET A 203 26.84 -3.31 -5.83
C MET A 203 28.16 -3.30 -6.62
N PRO A 204 28.86 -4.41 -6.61
CA PRO A 204 30.17 -4.42 -7.25
C PRO A 204 30.13 -4.43 -8.75
N ALA A 205 31.27 -4.09 -9.36
N ALA A 205 31.23 -3.99 -9.38
CA ALA A 205 31.41 -4.05 -10.81
CA ALA A 205 31.43 -4.19 -10.81
C ALA A 205 30.99 -5.31 -11.58
C ALA A 205 31.32 -5.68 -11.07
N GLY A 206 31.11 -6.50 -10.97
N GLY A 206 30.82 -6.07 -12.23
CA GLY A 206 30.62 -7.74 -11.63
CA GLY A 206 30.48 -7.46 -12.41
C GLY A 206 29.12 -7.85 -11.89
C GLY A 206 29.03 -7.80 -12.07
N THR A 207 28.35 -6.98 -11.24
CA THR A 207 26.90 -7.07 -11.23
C THR A 207 26.37 -6.80 -12.64
N LEU A 208 25.46 -7.67 -13.08
CA LEU A 208 24.77 -7.47 -14.35
C LEU A 208 23.45 -6.72 -14.09
N HIS A 209 23.15 -5.78 -14.96
CA HIS A 209 21.91 -5.02 -14.92
C HIS A 209 20.98 -5.54 -15.95
N LEU A 210 19.73 -5.76 -15.55
CA LEU A 210 18.75 -6.39 -16.44
C LEU A 210 17.78 -5.39 -17.06
N ALA A 211 17.29 -5.75 -18.24
CA ALA A 211 16.15 -5.06 -18.86
C ALA A 211 15.21 -6.10 -19.42
N MET A 212 13.91 -5.81 -19.26
CA MET A 212 12.87 -6.71 -19.75
C MET A 212 12.51 -6.46 -21.19
N VAL A 213 12.40 -7.56 -21.94
CA VAL A 213 11.81 -7.56 -23.29
C VAL A 213 10.34 -7.92 -23.07
N GLN A 214 9.45 -6.96 -23.32
CA GLN A 214 8.05 -7.08 -22.92
C GLN A 214 7.11 -7.10 -24.11
N ALA A 215 5.99 -7.79 -23.93
CA ALA A 215 4.94 -7.81 -24.93
C ALA A 215 4.34 -6.43 -25.15
N LYS A 216 4.14 -6.08 -26.42
CA LYS A 216 3.53 -4.77 -26.74
CA LYS A 216 3.59 -4.80 -26.83
C LYS A 216 2.17 -4.98 -27.38
N VAL A 217 1.59 -6.16 -27.16
CA VAL A 217 0.20 -6.47 -27.47
C VAL A 217 -0.40 -7.19 -26.25
N SER A 218 -1.72 -7.27 -26.17
CA SER A 218 -2.38 -7.80 -24.99
C SER A 218 -2.56 -9.31 -24.98
N HIS A 219 -2.48 -9.99 -26.13
CA HIS A 219 -2.80 -11.41 -26.19
C HIS A 219 -2.20 -11.97 -27.46
N ALA A 220 -1.44 -13.06 -27.36
CA ALA A 220 -0.78 -13.62 -28.54
C ALA A 220 -0.28 -15.01 -28.30
N ASN A 221 -0.09 -15.74 -29.41
CA ASN A 221 0.74 -16.94 -29.40
C ASN A 221 2.15 -16.53 -29.81
N ILE A 222 3.14 -16.99 -29.06
CA ILE A 222 4.55 -16.67 -29.35
C ILE A 222 5.12 -17.74 -30.27
N LYS A 223 5.76 -17.28 -31.35
CA LYS A 223 6.37 -18.20 -32.32
C LYS A 223 7.88 -18.29 -32.23
N GLY A 224 8.54 -17.24 -31.76
CA GLY A 224 9.98 -17.28 -31.66
C GLY A 224 10.53 -15.99 -31.08
N ILE A 225 11.81 -16.05 -30.69
CA ILE A 225 12.55 -14.91 -30.14
C ILE A 225 13.90 -14.87 -30.82
N ASP A 226 14.24 -13.72 -31.42
CA ASP A 226 15.54 -13.52 -32.07
C ASP A 226 16.33 -12.49 -31.28
N THR A 227 17.42 -12.95 -30.67
CA THR A 227 18.26 -12.09 -29.82
C THR A 227 19.54 -11.65 -30.54
N SER A 228 19.69 -11.96 -31.83
CA SER A 228 20.99 -11.78 -32.48
C SER A 228 21.51 -10.34 -32.51
N GLU A 229 20.68 -9.39 -32.87
CA GLU A 229 21.13 -8.00 -32.89
C GLU A 229 21.49 -7.52 -31.47
N ALA A 230 20.65 -7.87 -30.48
CA ALA A 230 20.90 -7.46 -29.11
C ALA A 230 22.25 -7.91 -28.58
N LEU A 231 22.68 -9.12 -28.97
CA LEU A 231 23.94 -9.66 -28.47
C LEU A 231 25.17 -8.87 -28.95
N THR A 232 25.04 -8.15 -30.06
CA THR A 232 26.14 -7.34 -30.60
C THR A 232 26.23 -5.93 -30.02
N MET A 233 25.30 -5.57 -29.14
CA MET A 233 25.21 -4.21 -28.64
C MET A 233 26.11 -3.92 -27.46
N PRO A 234 26.42 -2.63 -27.23
CA PRO A 234 27.38 -2.31 -26.19
C PRO A 234 27.02 -2.85 -24.81
N GLY A 235 27.99 -3.47 -24.16
CA GLY A 235 27.84 -3.88 -22.78
C GLY A 235 27.01 -5.13 -22.56
N VAL A 236 26.51 -5.77 -23.62
CA VAL A 236 25.60 -6.91 -23.44
C VAL A 236 26.35 -8.20 -23.16
N HIS A 237 25.92 -8.86 -22.09
CA HIS A 237 26.46 -10.16 -21.66
C HIS A 237 25.71 -11.35 -22.30
N SER A 238 24.39 -11.33 -22.22
CA SER A 238 23.55 -12.43 -22.67
C SER A 238 22.09 -12.01 -22.67
N VAL A 239 21.25 -12.87 -23.25
CA VAL A 239 19.79 -12.71 -23.18
C VAL A 239 19.21 -14.01 -22.66
N ILE A 240 18.35 -13.87 -21.66
CA ILE A 240 17.73 -14.99 -20.95
C ILE A 240 16.30 -15.14 -21.46
N THR A 241 15.89 -16.38 -21.76
CA THR A 241 14.50 -16.69 -22.16
C THR A 241 13.99 -17.88 -21.32
N HIS A 242 12.76 -18.32 -21.61
CA HIS A 242 12.23 -19.50 -20.92
C HIS A 242 13.14 -20.71 -21.01
N LYS A 243 13.94 -20.80 -22.08
CA LYS A 243 14.84 -21.96 -22.22
C LYS A 243 15.87 -22.04 -21.12
N ASP A 244 16.15 -20.91 -20.46
CA ASP A 244 17.13 -20.85 -19.38
C ASP A 244 16.53 -21.12 -18.00
N VAL A 245 15.21 -21.29 -17.91
CA VAL A 245 14.53 -21.56 -16.65
C VAL A 245 14.71 -23.03 -16.29
N LYS A 246 15.13 -23.30 -15.06
CA LYS A 246 15.53 -24.66 -14.66
C LYS A 246 14.40 -25.46 -13.98
N GLY A 247 13.29 -24.80 -13.67
CA GLY A 247 12.12 -25.47 -13.09
C GLY A 247 10.93 -25.41 -14.01
N LYS A 248 9.73 -25.37 -13.42
CA LYS A 248 8.48 -25.43 -14.19
C LYS A 248 8.20 -24.18 -15.01
N ASN A 249 8.90 -23.08 -14.74
CA ASN A 249 8.62 -21.81 -15.43
C ASN A 249 7.19 -21.36 -15.24
N ARG A 250 6.66 -21.60 -14.05
CA ARG A 250 5.33 -21.16 -13.65
C ARG A 250 5.41 -20.77 -12.19
N ILE A 251 4.65 -19.73 -11.84
CA ILE A 251 4.40 -19.34 -10.46
C ILE A 251 3.13 -20.03 -10.01
N THR A 252 3.14 -20.62 -8.82
CA THR A 252 1.93 -21.27 -8.31
C THR A 252 1.14 -20.33 -7.40
N GLY A 253 -0.18 -20.35 -7.55
CA GLY A 253 -1.06 -19.63 -6.65
C GLY A 253 -1.08 -20.14 -5.23
N LEU A 254 -0.54 -21.35 -5.06
CA LEU A 254 -0.18 -22.01 -3.80
C LEU A 254 -1.37 -22.47 -2.94
N ILE A 255 -2.38 -21.61 -2.80
CA ILE A 255 -3.60 -21.89 -2.02
C ILE A 255 -4.85 -21.78 -2.90
N THR A 256 -4.72 -22.07 -4.19
CA THR A 256 -5.84 -22.15 -5.10
C THR A 256 -6.98 -22.96 -4.48
N PHE A 257 -8.20 -22.42 -4.50
CA PHE A 257 -9.29 -23.07 -3.81
C PHE A 257 -9.67 -24.36 -4.54
N PRO A 258 -10.09 -25.42 -3.81
CA PRO A 258 -10.53 -26.65 -4.50
C PRO A 258 -11.62 -26.44 -5.54
N THR A 259 -12.53 -25.49 -5.30
CA THR A 259 -13.61 -25.28 -6.25
C THR A 259 -13.21 -24.38 -7.44
N ASN A 260 -12.00 -23.82 -7.43
CA ASN A 260 -11.49 -23.14 -8.60
C ASN A 260 -11.38 -24.16 -9.73
N LYS A 261 -11.75 -23.74 -10.94
N LYS A 261 -11.75 -23.75 -10.93
CA LYS A 261 -11.68 -24.60 -12.12
CA LYS A 261 -11.67 -24.60 -12.12
C LYS A 261 -10.29 -24.65 -12.76
C LYS A 261 -10.26 -24.72 -12.67
N GLY A 262 -9.40 -23.78 -12.31
CA GLY A 262 -7.99 -23.79 -12.74
C GLY A 262 -7.09 -24.38 -11.67
N ASP A 263 -5.92 -24.83 -12.10
CA ASP A 263 -4.98 -25.50 -11.22
C ASP A 263 -4.01 -24.59 -10.50
N GLY A 264 -4.09 -23.27 -10.74
CA GLY A 264 -3.21 -22.32 -10.07
C GLY A 264 -1.81 -22.21 -10.60
N TRP A 265 -1.50 -22.94 -11.67
CA TRP A 265 -0.17 -22.94 -12.29
C TRP A 265 -0.13 -22.17 -13.60
N ASP A 266 -1.06 -21.24 -13.76
CA ASP A 266 -1.27 -20.50 -15.00
C ASP A 266 -0.23 -19.45 -15.33
N ARG A 267 0.42 -18.86 -14.35
CA ARG A 267 1.29 -17.70 -14.61
C ARG A 267 2.71 -18.12 -14.97
N PRO A 268 3.22 -17.74 -16.17
CA PRO A 268 4.62 -18.05 -16.50
CA PRO A 268 4.63 -18.06 -16.49
C PRO A 268 5.62 -17.17 -15.75
N ILE A 269 6.86 -17.64 -15.61
CA ILE A 269 7.93 -16.76 -15.18
C ILE A 269 8.43 -15.94 -16.39
N LEU A 270 8.85 -16.63 -17.45
CA LEU A 270 9.16 -16.04 -18.74
C LEU A 270 8.21 -16.66 -19.73
N ASP A 272 6.43 -18.55 -22.49
N ASP A 272 6.32 -18.42 -22.71
CA ASP A 272 6.87 -19.50 -23.51
CA ASP A 272 6.84 -19.57 -23.47
C ASP A 272 5.89 -19.51 -24.71
C ASP A 272 5.99 -19.78 -24.73
N GLU A 273 4.70 -20.03 -24.52
CA GLU A 273 3.75 -20.23 -25.61
C GLU A 273 2.89 -19.03 -25.90
N LYS A 274 2.63 -18.20 -24.88
CA LYS A 274 1.63 -17.14 -25.02
C LYS A 274 2.02 -15.85 -24.28
N VAL A 275 1.54 -14.74 -24.86
CA VAL A 275 1.36 -13.47 -24.17
C VAL A 275 -0.05 -13.43 -23.66
N PHE A 276 -0.20 -13.10 -22.37
CA PHE A 276 -1.50 -12.99 -21.70
C PHE A 276 -1.95 -11.57 -21.36
N GLN A 277 -0.99 -10.64 -21.25
CA GLN A 277 -1.28 -9.21 -21.06
C GLN A 277 -0.15 -8.38 -21.63
N TYR A 278 -0.49 -7.16 -21.99
CA TYR A 278 0.53 -6.17 -22.36
C TYR A 278 1.54 -6.05 -21.23
N GLY A 279 2.83 -6.04 -21.58
CA GLY A 279 3.89 -5.95 -20.59
C GLY A 279 4.52 -7.24 -20.16
N ASP A 280 3.89 -8.38 -20.48
CA ASP A 280 4.47 -9.67 -20.07
C ASP A 280 5.94 -9.73 -20.45
N CYS A 281 6.76 -10.21 -19.51
CA CYS A 281 8.19 -10.37 -19.77
C CYS A 281 8.47 -11.64 -20.56
N ILE A 282 9.04 -11.46 -21.74
CA ILE A 282 9.38 -12.56 -22.65
C ILE A 282 10.87 -12.90 -22.57
N ALA A 283 11.71 -11.92 -22.27
CA ALA A 283 13.15 -12.18 -22.16
C ALA A 283 13.79 -11.13 -21.25
N LEU A 284 15.00 -11.43 -20.80
CA LEU A 284 15.81 -10.52 -19.98
C LEU A 284 17.15 -10.29 -20.66
N VAL A 285 17.48 -9.03 -20.97
CA VAL A 285 18.84 -8.69 -21.39
C VAL A 285 19.69 -8.43 -20.16
N CYS A 286 20.87 -9.06 -20.12
CA CYS A 286 21.87 -8.81 -19.08
C CYS A 286 22.99 -7.97 -19.66
N ALA A 287 23.30 -6.84 -19.02
CA ALA A 287 24.35 -5.95 -19.51
C ALA A 287 25.11 -5.27 -18.36
N ASP A 288 26.10 -4.45 -18.73
CA ASP A 288 26.93 -3.77 -17.74
C ASP A 288 26.24 -2.59 -17.05
N SER A 289 25.11 -2.15 -17.59
CA SER A 289 24.38 -1.00 -17.06
C SER A 289 22.91 -1.11 -17.43
N GLU A 290 22.05 -0.48 -16.63
CA GLU A 290 20.64 -0.42 -16.96
C GLU A 290 20.44 0.22 -18.35
N ALA A 291 21.15 1.31 -18.62
CA ALA A 291 21.01 2.00 -19.88
C ALA A 291 21.38 1.09 -21.06
N ASN A 292 22.48 0.36 -20.97
CA ASN A 292 22.88 -0.52 -22.07
C ASN A 292 21.94 -1.72 -22.20
N ALA A 293 21.44 -2.23 -21.07
CA ALA A 293 20.48 -3.34 -21.12
C ALA A 293 19.18 -2.90 -21.82
N ARG A 294 18.70 -1.71 -21.47
CA ARG A 294 17.45 -1.20 -22.06
C ARG A 294 17.60 -0.97 -23.56
N ALA A 295 18.73 -0.38 -23.96
CA ALA A 295 18.96 -0.13 -25.38
C ALA A 295 18.95 -1.42 -26.19
N ALA A 296 19.56 -2.45 -25.63
CA ALA A 296 19.63 -3.73 -26.31
C ALA A 296 18.29 -4.47 -26.29
N ALA A 297 17.51 -4.33 -25.20
CA ALA A 297 16.20 -4.95 -25.15
C ALA A 297 15.28 -4.49 -26.26
N GLU A 298 15.45 -3.24 -26.68
CA GLU A 298 14.66 -2.71 -27.80
C GLU A 298 14.92 -3.42 -29.12
N LYS A 299 16.06 -4.09 -29.23
CA LYS A 299 16.46 -4.78 -30.45
C LYS A 299 16.16 -6.26 -30.48
N VAL A 300 15.65 -6.82 -29.37
CA VAL A 300 15.24 -8.22 -29.35
C VAL A 300 13.93 -8.30 -30.12
N LYS A 301 13.84 -9.25 -31.06
CA LYS A 301 12.67 -9.39 -31.92
C LYS A 301 11.83 -10.58 -31.52
N VAL A 302 10.56 -10.34 -31.21
CA VAL A 302 9.66 -11.41 -30.84
C VAL A 302 8.68 -11.60 -31.97
N ASP A 303 8.60 -12.82 -32.45
CA ASP A 303 7.67 -13.21 -33.51
C ASP A 303 6.42 -13.72 -32.84
N LEU A 304 5.32 -13.00 -33.04
CA LEU A 304 4.01 -13.22 -32.36
CA LEU A 304 4.11 -13.52 -32.46
C LEU A 304 2.88 -13.37 -33.37
N GLU A 305 1.85 -14.13 -33.01
CA GLU A 305 0.56 -14.15 -33.71
C GLU A 305 -0.42 -13.49 -32.71
N GLU A 306 -0.79 -12.25 -32.96
CA GLU A 306 -1.70 -11.56 -32.06
C GLU A 306 -3.07 -12.22 -32.10
N LEU A 307 -3.68 -12.35 -30.93
CA LEU A 307 -5.02 -12.92 -30.75
C LEU A 307 -5.96 -11.83 -30.25
N PRO A 308 -7.28 -12.01 -30.50
CA PRO A 308 -8.23 -11.06 -29.91
C PRO A 308 -8.14 -11.09 -28.39
N ALA A 309 -8.13 -9.91 -27.79
CA ALA A 309 -7.97 -9.75 -26.37
C ALA A 309 -9.30 -9.38 -25.72
N TYR A 310 -9.52 -9.93 -24.52
CA TYR A 310 -10.70 -9.57 -23.72
C TYR A 310 -10.26 -8.58 -22.65
N MET A 311 -10.68 -7.33 -22.78
CA MET A 311 -10.13 -6.23 -21.98
C MET A 311 -11.02 -5.80 -20.84
N SER A 312 -12.09 -6.57 -20.57
CA SER A 312 -12.94 -6.35 -19.39
C SER A 312 -13.54 -7.68 -18.97
N GLY A 313 -14.05 -7.69 -17.74
CA GLY A 313 -14.68 -8.89 -17.20
C GLY A 313 -15.90 -9.34 -18.00
N PRO A 314 -16.84 -8.42 -18.27
CA PRO A 314 -18.01 -8.85 -19.04
C PRO A 314 -17.65 -9.43 -20.41
N ALA A 315 -16.63 -8.90 -21.05
CA ALA A 315 -16.25 -9.43 -22.36
C ALA A 315 -15.70 -10.85 -22.24
N ALA A 316 -14.82 -11.06 -21.26
CA ALA A 316 -14.21 -12.38 -21.09
C ALA A 316 -15.19 -13.43 -20.59
N ALA A 317 -16.24 -12.99 -19.87
CA ALA A 317 -17.21 -13.88 -19.22
C ALA A 317 -18.34 -14.32 -20.13
N ALA A 318 -18.40 -13.77 -21.33
CA ALA A 318 -19.45 -14.15 -22.25
C ALA A 318 -19.43 -15.67 -22.50
N GLU A 319 -20.62 -16.27 -22.64
CA GLU A 319 -20.76 -17.73 -22.78
C GLU A 319 -19.87 -18.29 -23.89
N ASP A 320 -19.74 -17.54 -24.98
CA ASP A 320 -19.00 -18.03 -26.14
C ASP A 320 -17.55 -17.53 -26.22
N ALA A 321 -17.05 -16.88 -25.17
CA ALA A 321 -15.68 -16.34 -25.20
C ALA A 321 -14.65 -17.47 -25.31
N ILE A 322 -13.59 -17.21 -26.05
CA ILE A 322 -12.50 -18.19 -26.20
C ILE A 322 -11.65 -18.24 -24.91
N GLU A 323 -11.31 -19.46 -24.48
CA GLU A 323 -10.53 -19.64 -23.27
C GLU A 323 -9.11 -19.09 -23.41
N ILE A 324 -8.80 -18.11 -22.57
CA ILE A 324 -7.46 -17.52 -22.50
C ILE A 324 -6.41 -18.55 -22.09
N HIS A 325 -6.77 -19.38 -21.11
CA HIS A 325 -5.96 -20.52 -20.68
C HIS A 325 -6.63 -21.76 -21.20
N PRO A 326 -6.19 -22.26 -22.37
CA PRO A 326 -6.95 -23.35 -22.97
C PRO A 326 -7.09 -24.52 -22.00
N GLY A 327 -8.32 -24.99 -21.84
CA GLY A 327 -8.65 -26.05 -20.90
C GLY A 327 -9.27 -25.59 -19.59
N THR A 328 -9.28 -24.28 -19.36
CA THR A 328 -9.92 -23.71 -18.17
C THR A 328 -10.93 -22.64 -18.64
N PRO A 329 -12.17 -22.69 -18.15
CA PRO A 329 -13.10 -21.63 -18.52
C PRO A 329 -12.60 -20.26 -18.02
N ASN A 330 -12.86 -19.20 -18.78
CA ASN A 330 -12.47 -17.87 -18.32
C ASN A 330 -13.10 -17.57 -16.95
N VAL A 331 -14.37 -17.92 -16.74
CA VAL A 331 -14.96 -17.77 -15.40
C VAL A 331 -14.55 -19.00 -14.62
N TYR A 332 -13.51 -18.84 -13.78
CA TYR A 332 -12.88 -19.99 -13.14
C TYR A 332 -13.26 -20.23 -11.69
N PHE A 333 -14.03 -19.34 -11.08
CA PHE A 333 -14.40 -19.52 -9.68
C PHE A 333 -15.73 -18.84 -9.41
N GLU A 334 -16.54 -19.47 -8.56
CA GLU A 334 -17.75 -18.85 -8.06
C GLU A 334 -17.84 -19.07 -6.56
N GLN A 335 -18.26 -18.02 -5.84
CA GLN A 335 -18.51 -18.11 -4.39
C GLN A 335 -19.93 -17.65 -4.10
N PRO A 336 -20.80 -18.58 -3.70
CA PRO A 336 -22.12 -18.18 -3.23
C PRO A 336 -22.07 -17.63 -1.79
N ILE A 337 -23.09 -16.84 -1.47
CA ILE A 337 -23.38 -16.48 -0.09
C ILE A 337 -24.88 -16.80 0.14
N VAL A 338 -25.11 -17.64 1.14
CA VAL A 338 -26.44 -18.19 1.41
C VAL A 338 -26.62 -18.11 2.93
N LYS A 339 -27.27 -17.04 3.39
CA LYS A 339 -27.52 -16.84 4.83
C LYS A 339 -29.03 -16.75 5.04
N GLY A 340 -29.55 -17.46 6.04
CA GLY A 340 -30.97 -17.31 6.35
C GLY A 340 -31.90 -17.80 5.26
N GLU A 341 -33.07 -17.18 5.18
CA GLU A 341 -34.16 -17.63 4.34
C GLU A 341 -34.06 -17.12 2.93
N ASP A 342 -34.78 -17.78 2.03
CA ASP A 342 -34.82 -17.37 0.63
C ASP A 342 -35.24 -15.90 0.53
N THR A 343 -34.53 -15.13 -0.28
CA THR A 343 -34.77 -13.69 -0.32
C THR A 343 -35.92 -13.25 -1.24
N GLY A 344 -36.25 -14.05 -2.26
CA GLY A 344 -37.29 -13.61 -3.18
C GLY A 344 -38.61 -13.27 -2.53
N PRO A 345 -39.11 -14.16 -1.66
CA PRO A 345 -40.38 -13.83 -1.01
C PRO A 345 -40.32 -12.63 -0.07
N ILE A 346 -39.15 -12.41 0.52
CA ILE A 346 -38.96 -11.28 1.41
C ILE A 346 -38.96 -9.98 0.64
N PHE A 347 -38.26 -9.94 -0.50
CA PHE A 347 -38.34 -8.75 -1.37
C PHE A 347 -39.77 -8.52 -1.83
N ALA A 348 -40.48 -9.57 -2.18
CA ALA A 348 -41.83 -9.40 -2.71
C ALA A 348 -42.76 -8.75 -1.71
N SER A 349 -42.61 -9.05 -0.42
CA SER A 349 -43.53 -8.53 0.60
C SER A 349 -42.99 -7.38 1.42
N ALA A 350 -41.77 -6.92 1.12
CA ALA A 350 -41.17 -5.82 1.89
C ALA A 350 -41.84 -4.49 1.62
N ASP A 351 -41.83 -3.63 2.64
CA ASP A 351 -42.34 -2.27 2.47
C ASP A 351 -41.56 -1.50 1.39
N VAL A 352 -40.24 -1.66 1.37
N VAL A 352 -40.25 -1.67 1.36
CA VAL A 352 -39.36 -0.89 0.47
CA VAL A 352 -39.43 -0.95 0.40
C VAL A 352 -38.25 -1.78 -0.04
C VAL A 352 -38.30 -1.84 -0.07
N THR A 353 -37.93 -1.65 -1.34
CA THR A 353 -36.76 -2.27 -1.91
C THR A 353 -35.99 -1.24 -2.72
N VAL A 354 -34.66 -1.44 -2.81
CA VAL A 354 -33.81 -0.65 -3.71
C VAL A 354 -32.81 -1.60 -4.37
N GLU A 355 -32.27 -1.16 -5.51
N GLU A 355 -32.32 -1.21 -5.54
CA GLU A 355 -31.30 -1.90 -6.29
CA GLU A 355 -31.20 -1.92 -6.14
C GLU A 355 -30.38 -0.94 -6.98
C GLU A 355 -30.42 -1.02 -7.06
N GLY A 356 -29.13 -1.34 -7.17
CA GLY A 356 -28.23 -0.56 -7.99
C GLY A 356 -27.18 -1.41 -8.66
N ASP A 357 -26.66 -0.86 -9.77
CA ASP A 357 -25.49 -1.42 -10.49
C ASP A 357 -24.34 -0.47 -10.28
N PHE A 358 -23.24 -1.01 -9.79
CA PHE A 358 -22.08 -0.22 -9.38
C PHE A 358 -20.81 -0.77 -10.01
N TYR A 359 -19.77 0.04 -10.11
CA TYR A 359 -18.48 -0.37 -10.64
C TYR A 359 -17.36 0.34 -9.90
N VAL A 360 -16.35 -0.44 -9.51
CA VAL A 360 -15.09 0.07 -9.03
C VAL A 360 -14.01 -0.58 -9.88
N GLY A 361 -13.04 0.21 -10.32
CA GLY A 361 -12.12 -0.18 -11.38
C GLY A 361 -10.72 -0.56 -10.97
N ARG A 362 -9.79 -0.43 -11.91
CA ARG A 362 -8.48 -1.04 -11.86
C ARG A 362 -7.47 -0.10 -11.22
N GLN A 363 -7.70 0.20 -9.94
CA GLN A 363 -6.92 1.25 -9.28
C GLN A 363 -5.44 0.88 -9.28
N PRO A 364 -4.56 1.84 -9.64
CA PRO A 364 -3.13 1.58 -9.62
C PRO A 364 -2.49 2.02 -8.30
N HIS A 365 -1.61 1.19 -7.75
CA HIS A 365 -1.04 1.45 -6.43
C HIS A 365 -0.28 2.75 -6.34
N MET A 366 0.52 3.05 -7.37
CA MET A 366 1.30 4.28 -7.48
C MET A 366 2.15 4.60 -6.24
N PRO A 367 2.97 3.63 -5.79
CA PRO A 367 4.04 4.01 -4.87
C PRO A 367 4.98 4.99 -5.55
N ILE A 368 5.66 5.82 -4.78
CA ILE A 368 6.61 6.76 -5.41
C ILE A 368 7.83 5.99 -5.96
N GLU A 369 8.22 4.89 -5.31
CA GLU A 369 9.37 4.04 -5.75
C GLU A 369 8.86 2.95 -6.69
N PRO A 370 9.30 2.93 -7.97
CA PRO A 370 8.94 1.82 -8.84
C PRO A 370 9.66 0.52 -8.44
N ASP A 371 9.08 -0.60 -8.88
CA ASP A 371 9.56 -1.91 -8.44
C ASP A 371 11.03 -2.12 -8.79
N VAL A 372 11.72 -2.82 -7.91
CA VAL A 372 13.15 -3.08 -8.06
C VAL A 372 13.51 -4.31 -7.22
N ALA A 373 14.46 -5.09 -7.70
CA ALA A 373 14.90 -6.30 -6.98
C ALA A 373 16.28 -6.67 -7.51
N PHE A 374 16.97 -7.51 -6.75
CA PHE A 374 18.24 -8.08 -7.19
C PHE A 374 18.40 -9.48 -6.64
N ALA A 375 19.34 -10.23 -7.23
CA ALA A 375 19.59 -11.59 -6.78
C ALA A 375 21.05 -11.96 -7.03
N TYR A 376 21.51 -12.98 -6.34
CA TYR A 376 22.87 -13.44 -6.53
C TYR A 376 22.95 -14.87 -6.01
N MET A 377 24.00 -15.56 -6.43
CA MET A 377 24.33 -16.86 -5.87
C MET A 377 25.28 -16.65 -4.70
N GLY A 378 24.88 -17.11 -3.53
CA GLY A 378 25.68 -16.98 -2.33
C GLY A 378 26.85 -17.92 -2.36
N ASP A 379 27.81 -17.66 -1.48
CA ASP A 379 28.99 -18.54 -1.40
C ASP A 379 28.62 -19.91 -0.80
N ASP A 380 27.46 -19.96 -0.14
CA ASP A 380 26.86 -21.17 0.40
C ASP A 380 26.07 -22.02 -0.60
N GLY A 381 26.04 -21.59 -1.87
CA GLY A 381 25.33 -22.29 -2.94
C GLY A 381 23.85 -21.92 -3.11
N LYS A 382 23.31 -21.14 -2.18
CA LYS A 382 21.91 -20.75 -2.26
C LYS A 382 21.71 -19.54 -3.18
N CYS A 383 20.50 -19.39 -3.71
CA CYS A 383 20.13 -18.20 -4.46
C CYS A 383 19.43 -17.24 -3.53
N TYR A 384 19.97 -16.02 -3.44
CA TYR A 384 19.43 -14.95 -2.60
C TYR A 384 18.72 -13.92 -3.46
N ILE A 385 17.50 -13.56 -3.04
CA ILE A 385 16.70 -12.55 -3.70
C ILE A 385 16.38 -11.46 -2.67
N HIS A 386 16.63 -10.20 -3.03
CA HIS A 386 16.33 -9.02 -2.20
C HIS A 386 15.36 -8.17 -3.01
N SER A 387 14.16 -7.95 -2.49
CA SER A 387 13.09 -7.31 -3.27
C SER A 387 12.15 -6.53 -2.37
N LYS A 388 11.07 -6.05 -2.96
CA LYS A 388 10.00 -5.38 -2.23
C LYS A 388 8.94 -6.36 -1.72
N SER A 389 9.25 -7.67 -1.69
CA SER A 389 8.28 -8.64 -1.16
C SER A 389 7.79 -8.25 0.21
N ILE A 390 6.47 -8.29 0.40
CA ILE A 390 5.91 -8.12 1.75
C ILE A 390 5.41 -9.46 2.30
N GLY A 391 5.85 -10.57 1.68
CA GLY A 391 5.56 -11.92 2.18
C GLY A 391 6.68 -12.83 1.74
N VAL A 392 7.80 -12.73 2.45
CA VAL A 392 9.02 -13.40 1.94
C VAL A 392 8.87 -14.92 1.94
N HIS A 393 8.28 -15.47 3.01
CA HIS A 393 8.08 -16.92 3.08
C HIS A 393 7.05 -17.36 2.03
N LEU A 394 5.97 -16.61 1.89
CA LEU A 394 4.92 -16.90 0.91
C LEU A 394 5.54 -16.95 -0.50
N HIS A 395 6.30 -15.92 -0.85
CA HIS A 395 6.85 -15.84 -2.20
C HIS A 395 7.89 -16.89 -2.49
N LEU A 396 8.66 -17.29 -1.47
CA LEU A 396 9.60 -18.40 -1.65
C LEU A 396 8.88 -19.63 -2.19
N TYR A 397 7.76 -19.99 -1.56
CA TYR A 397 7.02 -21.20 -1.99
C TYR A 397 6.26 -20.98 -3.30
N MET A 398 5.88 -19.74 -3.63
CA MET A 398 5.23 -19.48 -4.90
C MET A 398 6.17 -19.60 -6.08
N ILE A 399 7.47 -19.33 -5.90
CA ILE A 399 8.40 -19.30 -7.03
C ILE A 399 9.37 -20.47 -7.08
N ALA A 400 9.61 -21.18 -5.98
CA ALA A 400 10.68 -22.19 -5.95
C ALA A 400 10.51 -23.28 -7.02
N PRO A 401 9.30 -23.87 -7.16
CA PRO A 401 9.15 -24.91 -8.19
C PRO A 401 9.40 -24.39 -9.61
N GLY A 402 8.98 -23.15 -9.82
CA GLY A 402 9.14 -22.54 -11.13
C GLY A 402 10.58 -22.24 -11.52
N VAL A 403 11.38 -21.77 -10.57
CA VAL A 403 12.78 -21.49 -10.85
C VAL A 403 13.66 -22.74 -10.74
N GLY A 404 13.13 -23.81 -10.17
CA GLY A 404 13.86 -25.07 -10.11
C GLY A 404 14.76 -25.26 -8.91
N LEU A 405 14.37 -24.69 -7.77
CA LEU A 405 15.10 -24.84 -6.52
C LEU A 405 14.25 -25.45 -5.45
N GLU A 406 14.85 -26.29 -4.62
CA GLU A 406 14.21 -26.71 -3.40
C GLU A 406 14.12 -25.53 -2.44
N PRO A 407 13.14 -25.54 -1.54
CA PRO A 407 12.94 -24.36 -0.69
C PRO A 407 14.14 -23.99 0.17
N ASP A 408 14.95 -24.96 0.57
CA ASP A 408 16.12 -24.63 1.39
C ASP A 408 17.29 -24.04 0.62
N GLN A 409 17.17 -23.98 -0.71
CA GLN A 409 18.22 -23.46 -1.57
C GLN A 409 17.96 -22.06 -2.09
N LEU A 410 16.89 -21.44 -1.58
CA LEU A 410 16.49 -20.07 -1.97
C LEU A 410 16.33 -19.29 -0.68
N VAL A 411 16.71 -18.01 -0.68
CA VAL A 411 16.52 -17.14 0.46
C VAL A 411 15.92 -15.84 -0.07
N LEU A 412 14.79 -15.43 0.50
CA LEU A 412 14.17 -14.13 0.15
C LEU A 412 14.31 -13.16 1.33
N VAL A 413 14.67 -11.94 0.98
CA VAL A 413 14.89 -10.84 1.92
C VAL A 413 14.10 -9.63 1.42
N ALA A 414 13.49 -8.91 2.37
CA ALA A 414 12.82 -7.65 2.05
C ALA A 414 13.78 -6.49 2.22
N ASN A 415 14.04 -5.79 1.11
CA ASN A 415 14.76 -4.51 1.18
C ASN A 415 13.89 -3.46 1.84
N PRO A 416 14.52 -2.40 2.39
CA PRO A 416 13.74 -1.19 2.64
C PRO A 416 13.02 -0.81 1.36
N MET A 417 11.78 -0.34 1.46
CA MET A 417 10.97 -0.14 0.27
C MET A 417 10.09 1.09 0.37
N GLY A 418 9.87 1.71 -0.77
CA GLY A 418 9.11 2.95 -0.89
C GLY A 418 7.64 2.78 -1.19
N GLY A 419 6.97 1.94 -0.39
CA GLY A 419 5.53 1.72 -0.50
C GLY A 419 5.17 0.62 -1.46
N THR A 420 4.05 -0.03 -1.18
CA THR A 420 3.46 -1.02 -2.08
C THR A 420 1.94 -0.97 -2.12
N PHE A 421 1.29 -0.79 -0.97
CA PHE A 421 -0.17 -0.73 -0.87
C PHE A 421 -0.83 -2.00 -1.38
N GLY A 422 -0.06 -3.10 -1.36
CA GLY A 422 -0.58 -4.41 -1.69
C GLY A 422 -0.02 -5.04 -2.92
N TYR A 423 0.59 -4.26 -3.84
CA TYR A 423 0.99 -4.88 -5.11
C TYR A 423 2.05 -5.95 -4.84
N LYS A 424 2.78 -5.80 -3.73
CA LYS A 424 3.81 -6.74 -3.33
C LYS A 424 3.34 -7.92 -2.48
N PHE A 425 2.01 -8.09 -2.38
CA PHE A 425 1.47 -9.40 -1.99
C PHE A 425 1.68 -10.41 -3.12
N SER A 426 1.91 -9.91 -4.35
CA SER A 426 2.28 -10.75 -5.49
C SER A 426 3.76 -10.75 -5.77
N PRO A 427 4.31 -11.88 -6.25
CA PRO A 427 5.61 -11.80 -6.93
C PRO A 427 5.52 -10.85 -8.12
N THR A 428 6.60 -10.10 -8.35
CA THR A 428 6.70 -9.26 -9.56
C THR A 428 8.00 -9.65 -10.26
N SER A 429 9.14 -9.25 -9.69
CA SER A 429 10.47 -9.41 -10.26
C SER A 429 11.29 -10.52 -9.64
N GLU A 430 10.81 -11.17 -8.58
CA GLU A 430 11.65 -12.11 -7.81
C GLU A 430 12.07 -13.30 -8.66
N ALA A 431 11.12 -13.90 -9.37
CA ALA A 431 11.47 -15.07 -10.18
C ALA A 431 12.35 -14.68 -11.37
N LEU A 432 12.11 -13.51 -11.97
CA LEU A 432 12.96 -13.02 -13.05
C LEU A 432 14.41 -12.89 -12.59
N VAL A 433 14.65 -12.21 -11.47
CA VAL A 433 16.04 -12.02 -11.03
C VAL A 433 16.65 -13.36 -10.59
N ALA A 434 15.87 -14.26 -9.96
CA ALA A 434 16.40 -15.56 -9.62
C ALA A 434 16.86 -16.34 -10.85
N VAL A 435 16.04 -16.37 -11.89
CA VAL A 435 16.37 -17.10 -13.11
CA VAL A 435 16.41 -17.14 -13.06
C VAL A 435 17.69 -16.56 -13.67
N ALA A 436 17.83 -15.24 -13.70
CA ALA A 436 19.02 -14.62 -14.26
C ALA A 436 20.28 -14.86 -13.43
N ALA A 437 20.17 -14.83 -12.10
CA ALA A 437 21.29 -15.13 -11.24
C ALA A 437 21.72 -16.57 -11.41
N MET A 438 20.74 -17.48 -11.48
CA MET A 438 21.05 -18.91 -11.61
C MET A 438 21.70 -19.20 -12.96
N ALA A 439 21.20 -18.55 -14.02
CA ALA A 439 21.71 -18.82 -15.38
C ALA A 439 23.12 -18.27 -15.59
N THR A 440 23.38 -17.07 -15.08
CA THR A 440 24.66 -16.41 -15.27
C THR A 440 25.69 -16.74 -14.20
N GLY A 441 25.24 -17.11 -13.01
CA GLY A 441 26.10 -17.22 -11.85
C GLY A 441 26.53 -15.92 -11.22
N ARG A 442 26.06 -14.81 -11.78
CA ARG A 442 26.53 -13.48 -11.43
C ARG A 442 25.41 -12.73 -10.65
N PRO A 443 25.79 -11.72 -9.85
CA PRO A 443 24.75 -10.86 -9.29
C PRO A 443 24.02 -10.13 -10.39
N VAL A 444 22.71 -9.98 -10.21
CA VAL A 444 21.86 -9.31 -11.19
C VAL A 444 20.95 -8.33 -10.48
N HIS A 445 20.66 -7.22 -11.16
CA HIS A 445 19.80 -6.17 -10.61
C HIS A 445 18.82 -5.69 -11.66
N LEU A 446 17.55 -5.59 -11.29
CA LEU A 446 16.45 -5.21 -12.18
C LEU A 446 15.64 -4.07 -11.59
N ARG A 447 15.64 -2.92 -12.26
CA ARG A 447 14.85 -1.75 -11.85
C ARG A 447 13.78 -1.49 -12.91
N TYR A 448 12.52 -1.44 -12.49
CA TYR A 448 11.43 -1.02 -13.37
C TYR A 448 11.44 0.51 -13.44
N ASN A 449 11.11 1.05 -14.61
CA ASN A 449 10.76 2.45 -14.66
C ASN A 449 9.27 2.64 -14.33
N TYR A 450 8.82 3.88 -14.32
CA TYR A 450 7.47 4.13 -13.81
C TYR A 450 6.41 3.58 -14.75
N GLN A 451 6.69 3.57 -16.06
CA GLN A 451 5.72 3.03 -17.00
CA GLN A 451 5.81 3.00 -17.09
C GLN A 451 5.57 1.52 -16.77
N GLN A 452 6.67 0.85 -16.46
CA GLN A 452 6.65 -0.58 -16.12
C GLN A 452 5.98 -0.86 -14.77
N GLN A 453 6.18 0.04 -13.82
CA GLN A 453 5.45 -0.04 -12.55
C GLN A 453 3.95 0.00 -12.81
N GLN A 454 3.51 0.88 -13.69
CA GLN A 454 2.08 1.00 -13.96
C GLN A 454 1.56 -0.17 -14.81
N GLN A 455 2.27 -0.49 -15.90
CA GLN A 455 1.74 -1.48 -16.85
C GLN A 455 1.96 -2.93 -16.43
N TYR A 456 3.00 -3.17 -15.65
CA TYR A 456 3.49 -4.52 -15.41
C TYR A 456 3.76 -4.80 -13.93
N THR A 457 2.89 -4.24 -13.09
CA THR A 457 2.65 -4.81 -11.77
C THR A 457 1.14 -4.96 -11.66
N GLY A 458 0.71 -5.77 -10.71
CA GLY A 458 -0.71 -6.06 -10.58
C GLY A 458 -1.51 -4.85 -10.13
N LYS A 459 -2.84 -4.99 -10.19
CA LYS A 459 -3.77 -3.88 -9.93
C LYS A 459 -4.90 -4.29 -9.04
N ARG A 460 -5.58 -3.31 -8.42
CA ARG A 460 -6.92 -3.61 -7.88
C ARG A 460 -7.76 -4.18 -9.01
N SER A 461 -8.51 -5.23 -8.73
CA SER A 461 -9.30 -5.89 -9.77
C SER A 461 -10.67 -5.23 -9.89
N PRO A 462 -11.08 -4.83 -11.10
CA PRO A 462 -12.42 -4.24 -11.26
C PRO A 462 -13.52 -5.20 -10.87
N TRP A 463 -14.55 -4.68 -10.20
CA TRP A 463 -15.79 -5.45 -9.93
C TRP A 463 -16.98 -4.75 -10.57
N GLU A 464 -17.75 -5.51 -11.36
CA GLU A 464 -19.08 -5.12 -11.80
C GLU A 464 -20.07 -5.71 -10.79
N MET A 465 -20.91 -4.89 -10.17
CA MET A 465 -21.72 -5.32 -9.03
C MET A 465 -23.18 -4.92 -9.18
N ASN A 466 -24.07 -5.81 -8.75
CA ASN A 466 -25.49 -5.49 -8.55
C ASN A 466 -25.83 -5.85 -7.11
N VAL A 467 -26.39 -4.92 -6.36
CA VAL A 467 -26.77 -5.20 -4.98
C VAL A 467 -28.20 -4.67 -4.78
N LYS A 468 -28.97 -5.39 -3.96
CA LYS A 468 -30.36 -5.05 -3.67
CA LYS A 468 -30.36 -5.04 -3.66
C LYS A 468 -30.62 -5.18 -2.17
N PHE A 469 -31.45 -4.28 -1.61
CA PHE A 469 -31.90 -4.36 -0.22
C PHE A 469 -33.42 -4.40 -0.18
N ALA A 470 -33.95 -5.15 0.79
CA ALA A 470 -35.37 -5.10 1.19
C ALA A 470 -35.40 -4.64 2.64
N ALA A 471 -36.36 -3.78 2.97
CA ALA A 471 -36.45 -3.20 4.30
C ALA A 471 -37.91 -2.88 4.70
N LYS A 472 -38.09 -2.75 6.00
CA LYS A 472 -39.33 -2.22 6.58
C LYS A 472 -39.36 -0.70 6.42
N LYS A 473 -40.55 -0.11 6.52
CA LYS A 473 -40.74 1.34 6.51
C LYS A 473 -39.87 2.04 7.58
N ASP A 474 -39.68 1.38 8.74
CA ASP A 474 -38.85 2.00 9.81
C ASP A 474 -37.36 1.90 9.53
N GLY A 475 -36.97 1.33 8.38
CA GLY A 475 -35.57 1.23 7.97
C GLY A 475 -34.87 -0.06 8.30
N THR A 476 -35.53 -0.96 9.03
CA THR A 476 -34.91 -2.24 9.38
C THR A 476 -34.67 -3.07 8.11
N LEU A 477 -33.41 -3.44 7.88
CA LEU A 477 -33.05 -4.32 6.79
C LEU A 477 -33.62 -5.71 7.03
N LEU A 478 -34.19 -6.28 5.97
CA LEU A 478 -34.76 -7.62 5.97
C LEU A 478 -33.92 -8.60 5.17
N ALA A 479 -33.39 -8.17 4.04
CA ALA A 479 -32.72 -9.07 3.11
C ALA A 479 -31.83 -8.30 2.16
N MET A 480 -30.86 -9.02 1.60
CA MET A 480 -29.96 -8.48 0.58
C MET A 480 -29.74 -9.55 -0.50
N GLU A 481 -29.65 -9.09 -1.75
CA GLU A 481 -29.20 -9.92 -2.87
C GLU A 481 -27.96 -9.25 -3.46
N SER A 482 -27.02 -10.06 -3.92
CA SER A 482 -25.78 -9.50 -4.46
C SER A 482 -25.23 -10.36 -5.60
N ASP A 483 -24.63 -9.67 -6.58
CA ASP A 483 -23.94 -10.35 -7.69
C ASP A 483 -22.71 -9.53 -8.01
N TRP A 484 -21.57 -10.19 -8.16
CA TRP A 484 -20.35 -9.46 -8.48
C TRP A 484 -19.48 -10.29 -9.41
N LEU A 485 -18.85 -9.60 -10.36
CA LEU A 485 -17.96 -10.18 -11.37
C LEU A 485 -16.60 -9.50 -11.25
N VAL A 486 -15.59 -10.30 -10.92
CA VAL A 486 -14.24 -9.83 -10.60
C VAL A 486 -13.31 -10.09 -11.80
N ASP A 487 -12.83 -9.00 -12.40
CA ASP A 487 -11.88 -9.03 -13.54
C ASP A 487 -10.50 -9.15 -12.96
N HIS A 488 -9.90 -10.34 -13.03
CA HIS A 488 -8.63 -10.59 -12.35
C HIS A 488 -7.43 -10.60 -13.30
N GLY A 489 -7.62 -10.16 -14.53
CA GLY A 489 -6.56 -10.26 -15.53
C GLY A 489 -6.19 -11.74 -15.71
N PRO A 490 -4.98 -12.02 -16.20
CA PRO A 490 -4.75 -13.39 -16.67
C PRO A 490 -4.20 -14.34 -15.63
N TYR A 491 -3.77 -13.83 -14.47
CA TYR A 491 -3.05 -14.64 -13.48
C TYR A 491 -3.87 -14.78 -12.22
N SER A 492 -4.10 -16.04 -11.86
CA SER A 492 -5.11 -16.41 -10.89
C SER A 492 -4.78 -16.14 -9.45
N GLU A 493 -3.51 -15.92 -9.12
CA GLU A 493 -3.11 -15.89 -7.69
C GLU A 493 -4.07 -15.03 -6.85
N PHE A 494 -4.65 -15.68 -5.85
CA PHE A 494 -5.52 -15.05 -4.83
C PHE A 494 -6.79 -14.42 -5.42
N GLY A 495 -7.16 -14.76 -6.64
CA GLY A 495 -8.38 -14.19 -7.22
C GLY A 495 -9.66 -14.78 -6.66
N ASP A 496 -9.64 -16.09 -6.41
CA ASP A 496 -10.76 -16.74 -5.74
C ASP A 496 -10.96 -16.15 -4.32
N LEU A 497 -9.88 -15.99 -3.56
CA LEU A 497 -9.95 -15.37 -2.24
C LEU A 497 -10.54 -13.95 -2.32
N LEU A 498 -10.07 -13.15 -3.28
CA LEU A 498 -10.60 -11.80 -3.46
C LEU A 498 -12.10 -11.84 -3.68
N THR A 499 -12.55 -12.80 -4.47
CA THR A 499 -13.98 -12.93 -4.79
C THR A 499 -14.78 -13.29 -3.55
N LEU A 500 -14.22 -14.17 -2.71
CA LEU A 500 -14.83 -14.49 -1.42
C LEU A 500 -15.01 -13.25 -0.52
N ARG A 501 -14.12 -12.26 -0.62
CA ARG A 501 -14.29 -11.03 0.16
C ARG A 501 -15.63 -10.38 -0.10
N GLY A 502 -16.22 -10.54 -1.29
CA GLY A 502 -17.53 -9.97 -1.55
C GLY A 502 -18.64 -10.59 -0.72
N ALA A 503 -18.50 -11.90 -0.43
CA ALA A 503 -19.48 -12.57 0.43
C ALA A 503 -19.37 -12.07 1.86
N GLN A 504 -18.15 -11.73 2.27
CA GLN A 504 -17.87 -11.28 3.63
C GLN A 504 -18.24 -9.83 3.86
N PHE A 505 -18.04 -8.96 2.84
CA PHE A 505 -18.09 -7.52 3.07
C PHE A 505 -19.15 -6.72 2.35
N ILE A 506 -19.80 -7.28 1.30
CA ILE A 506 -20.98 -6.57 0.78
C ILE A 506 -22.04 -6.55 1.87
N GLY A 507 -22.47 -5.36 2.26
CA GLY A 507 -23.43 -5.21 3.34
C GLY A 507 -22.89 -5.29 4.75
N ALA A 508 -21.57 -5.40 4.91
CA ALA A 508 -21.03 -5.47 6.27
C ALA A 508 -21.36 -4.19 7.04
N GLY A 509 -21.52 -4.34 8.36
CA GLY A 509 -21.83 -3.27 9.26
C GLY A 509 -23.19 -3.37 9.92
N TYR A 510 -24.10 -4.13 9.28
CA TYR A 510 -25.51 -4.15 9.66
C TYR A 510 -25.99 -5.55 9.93
N ASN A 511 -27.03 -5.71 10.74
CA ASN A 511 -27.68 -7.01 10.84
C ASN A 511 -28.55 -7.28 9.60
N ILE A 512 -28.17 -8.26 8.80
CA ILE A 512 -28.94 -8.66 7.60
C ILE A 512 -29.21 -10.15 7.68
N PRO A 513 -30.42 -10.54 8.13
CA PRO A 513 -30.59 -11.97 8.42
C PRO A 513 -30.62 -12.90 7.22
N ASN A 514 -31.02 -12.37 6.06
CA ASN A 514 -31.27 -13.18 4.87
C ASN A 514 -30.51 -12.63 3.69
N ILE A 515 -29.61 -13.44 3.14
CA ILE A 515 -28.73 -13.00 2.04
C ILE A 515 -28.69 -14.10 0.99
N ARG A 516 -28.82 -13.72 -0.28
CA ARG A 516 -28.54 -14.64 -1.40
C ARG A 516 -27.68 -13.89 -2.41
N GLY A 517 -26.48 -14.39 -2.68
CA GLY A 517 -25.61 -13.73 -3.64
C GLY A 517 -24.62 -14.67 -4.28
N LEU A 518 -23.93 -14.16 -5.27
CA LEU A 518 -22.94 -14.96 -6.01
C LEU A 518 -21.85 -14.07 -6.60
N GLY A 519 -20.60 -14.39 -6.24
CA GLY A 519 -19.44 -13.79 -6.85
C GLY A 519 -18.81 -14.72 -7.87
N ARG A 520 -18.26 -14.13 -8.92
N ARG A 520 -18.35 -14.16 -8.98
CA ARG A 520 -17.62 -14.89 -9.98
CA ARG A 520 -17.65 -14.93 -10.03
C ARG A 520 -16.29 -14.23 -10.31
C ARG A 520 -16.32 -14.25 -10.41
N THR A 521 -15.27 -15.05 -10.54
CA THR A 521 -13.94 -14.57 -10.92
C THR A 521 -13.71 -14.91 -12.40
N VAL A 522 -13.24 -13.92 -13.17
CA VAL A 522 -12.97 -14.15 -14.59
C VAL A 522 -11.57 -13.70 -14.97
N ALA A 523 -10.91 -14.54 -15.75
CA ALA A 523 -9.64 -14.20 -16.36
C ALA A 523 -9.88 -13.27 -17.55
N THR A 524 -9.04 -12.24 -17.66
CA THR A 524 -9.05 -11.32 -18.80
C THR A 524 -7.61 -11.07 -19.25
N ASN A 525 -7.47 -10.30 -20.32
CA ASN A 525 -6.17 -9.88 -20.81
C ASN A 525 -5.75 -8.49 -20.36
N HIS A 526 -6.52 -7.85 -19.47
CA HIS A 526 -6.05 -6.62 -18.84
C HIS A 526 -5.15 -6.98 -17.64
N VAL A 527 -4.69 -5.99 -16.85
CA VAL A 527 -3.62 -6.27 -15.92
C VAL A 527 -4.06 -7.27 -14.85
N TRP A 528 -3.17 -8.20 -14.50
CA TRP A 528 -3.51 -9.17 -13.47
C TRP A 528 -3.78 -8.54 -12.11
N GLY A 529 -4.59 -9.22 -11.32
CA GLY A 529 -4.96 -8.71 -10.03
C GLY A 529 -3.92 -8.97 -8.98
N SER A 530 -3.50 -7.90 -8.30
CA SER A 530 -2.74 -8.01 -7.07
C SER A 530 -3.50 -7.28 -5.98
N ALA A 531 -3.33 -7.72 -4.74
CA ALA A 531 -3.99 -7.03 -3.65
C ALA A 531 -3.76 -5.53 -3.74
N PHE A 532 -4.80 -4.77 -3.43
CA PHE A 532 -4.68 -3.31 -3.21
C PHE A 532 -5.45 -3.07 -1.91
N ARG A 533 -4.73 -2.53 -0.94
CA ARG A 533 -5.23 -2.03 0.35
C ARG A 533 -6.74 -1.95 0.40
N GLY A 534 -7.31 -2.89 1.14
CA GLY A 534 -8.76 -3.04 1.25
C GLY A 534 -9.28 -4.32 0.63
N TYR A 535 -8.58 -4.79 -0.41
CA TYR A 535 -8.72 -6.14 -0.99
C TYR A 535 -10.16 -6.66 -0.94
N GLY A 536 -10.96 -6.13 -1.87
CA GLY A 536 -12.36 -6.51 -1.98
C GLY A 536 -13.33 -5.63 -1.24
N ALA A 537 -12.91 -5.02 -0.12
CA ALA A 537 -13.82 -4.12 0.59
C ALA A 537 -14.11 -2.82 -0.15
N PRO A 538 -13.10 -2.20 -0.81
CA PRO A 538 -13.42 -0.95 -1.53
C PRO A 538 -14.48 -1.14 -2.59
N GLN A 539 -14.45 -2.29 -3.25
CA GLN A 539 -15.49 -2.65 -4.22
C GLN A 539 -16.81 -2.93 -3.51
N SER A 540 -16.78 -3.91 -2.59
CA SER A 540 -17.96 -4.39 -1.89
C SER A 540 -18.73 -3.27 -1.21
N MET A 541 -18.00 -2.51 -0.41
CA MET A 541 -18.62 -1.49 0.44
C MET A 541 -18.94 -0.23 -0.32
N PHE A 542 -18.29 0.03 -1.46
CA PHE A 542 -18.81 1.09 -2.33
C PHE A 542 -20.25 0.75 -2.71
N ALA A 543 -20.48 -0.49 -3.16
CA ALA A 543 -21.84 -0.85 -3.54
C ALA A 543 -22.80 -0.76 -2.37
N SER A 544 -22.50 -1.42 -1.25
CA SER A 544 -23.50 -1.43 -0.18
C SER A 544 -23.69 -0.09 0.52
N GLU A 545 -22.61 0.70 0.66
CA GLU A 545 -22.74 1.98 1.35
C GLU A 545 -23.42 3.04 0.48
N CYS A 546 -23.25 2.95 -0.85
CA CYS A 546 -24.05 3.79 -1.73
C CYS A 546 -25.51 3.35 -1.69
N LEU A 547 -25.73 2.05 -1.72
CA LEU A 547 -27.09 1.53 -1.72
C LEU A 547 -27.80 1.89 -0.40
N MET A 548 -27.09 1.93 0.72
CA MET A 548 -27.70 2.39 1.98
C MET A 548 -28.24 3.81 1.85
N ASP A 549 -27.49 4.70 1.20
CA ASP A 549 -28.01 6.06 1.01
C ASP A 549 -29.21 6.07 0.06
N MET A 550 -29.21 5.19 -0.93
CA MET A 550 -30.36 5.08 -1.83
C MET A 550 -31.60 4.61 -1.07
N LEU A 551 -31.42 3.65 -0.15
CA LEU A 551 -32.51 3.18 0.69
C LEU A 551 -33.02 4.31 1.58
N ALA A 552 -32.10 5.04 2.21
CA ALA A 552 -32.50 6.18 3.06
C ALA A 552 -33.33 7.19 2.25
N GLU A 553 -32.88 7.52 1.04
N GLU A 553 -32.87 7.53 1.05
CA GLU A 553 -33.58 8.47 0.17
CA GLU A 553 -33.62 8.45 0.21
C GLU A 553 -35.00 7.96 -0.15
C GLU A 553 -35.03 7.93 0.00
N LYS A 554 -35.13 6.68 -0.43
CA LYS A 554 -36.44 6.11 -0.78
C LYS A 554 -37.39 6.08 0.43
N LEU A 555 -36.84 5.95 1.63
CA LEU A 555 -37.62 5.99 2.88
C LEU A 555 -37.87 7.41 3.38
N GLY A 556 -37.19 8.42 2.85
CA GLY A 556 -37.22 9.76 3.41
C GLY A 556 -36.56 9.86 4.77
N MET A 557 -35.55 9.01 5.00
N MET A 557 -35.53 9.05 4.97
CA MET A 557 -34.82 8.94 6.27
CA MET A 557 -34.83 8.96 6.25
C MET A 557 -33.44 9.55 6.11
C MET A 557 -33.43 9.56 6.11
N ASP A 558 -32.93 10.14 7.19
CA ASP A 558 -31.55 10.61 7.21
C ASP A 558 -30.59 9.41 7.08
N PRO A 559 -29.55 9.52 6.23
CA PRO A 559 -28.71 8.35 6.01
C PRO A 559 -27.85 7.94 7.22
N LEU A 560 -27.46 8.88 8.09
CA LEU A 560 -26.78 8.47 9.31
C LEU A 560 -27.73 7.72 10.24
N GLU A 561 -28.99 8.17 10.33
CA GLU A 561 -29.96 7.51 11.22
C GLU A 561 -30.35 6.12 10.69
N LEU A 562 -30.41 5.94 9.37
CA LEU A 562 -30.68 4.60 8.83
C LEU A 562 -29.57 3.64 9.27
N ARG A 563 -28.33 4.10 9.18
CA ARG A 563 -27.21 3.29 9.65
C ARG A 563 -27.29 2.99 11.15
N TYR A 564 -27.64 4.02 11.92
CA TYR A 564 -27.79 3.82 13.37
C TYR A 564 -28.82 2.74 13.70
N LYS A 565 -29.92 2.72 12.95
CA LYS A 565 -31.01 1.73 13.16
C LYS A 565 -30.48 0.29 12.97
N ASN A 566 -29.59 0.12 12.00
CA ASN A 566 -29.22 -1.23 11.54
C ASN A 566 -27.84 -1.70 12.01
N ALA A 567 -27.02 -0.80 12.59
CA ALA A 567 -25.62 -1.16 12.92
C ALA A 567 -25.53 -2.28 13.92
N TYR A 568 -24.48 -3.08 13.80
CA TYR A 568 -24.28 -4.25 14.70
C TYR A 568 -24.44 -3.91 16.16
N ARG A 569 -25.26 -4.73 16.83
CA ARG A 569 -25.44 -4.73 18.27
C ARG A 569 -25.45 -6.16 18.76
N PRO A 570 -25.24 -6.35 20.08
CA PRO A 570 -25.18 -7.73 20.58
C PRO A 570 -26.37 -8.56 20.11
N GLY A 571 -26.07 -9.78 19.67
CA GLY A 571 -27.07 -10.68 19.12
C GLY A 571 -27.05 -10.77 17.61
N ASP A 572 -26.58 -9.70 16.97
CA ASP A 572 -26.51 -9.68 15.51
C ASP A 572 -25.36 -10.53 15.00
N THR A 573 -25.43 -10.85 13.72
CA THR A 573 -24.34 -11.49 13.01
C THR A 573 -24.02 -10.74 11.74
N ASN A 574 -22.77 -10.90 11.31
CA ASN A 574 -22.27 -10.34 10.07
C ASN A 574 -22.71 -11.23 8.87
N PRO A 575 -22.33 -10.88 7.62
CA PRO A 575 -22.86 -11.62 6.49
C PRO A 575 -22.51 -13.10 6.48
N THR A 576 -21.43 -13.51 7.14
CA THR A 576 -21.04 -14.91 7.14
C THR A 576 -21.56 -15.65 8.37
N GLY A 577 -22.47 -15.01 9.10
CA GLY A 577 -23.14 -15.65 10.22
C GLY A 577 -22.40 -15.61 11.55
N GLN A 578 -21.34 -14.82 11.60
CA GLN A 578 -20.48 -14.71 12.78
C GLN A 578 -20.88 -13.49 13.63
N GLU A 579 -20.84 -13.66 14.96
CA GLU A 579 -21.05 -12.52 15.83
C GLU A 579 -19.84 -11.60 15.81
N PRO A 580 -20.07 -10.28 15.66
CA PRO A 580 -18.97 -9.33 15.87
C PRO A 580 -18.35 -9.50 17.26
N GLU A 581 -17.07 -9.15 17.38
CA GLU A 581 -16.34 -9.33 18.62
C GLU A 581 -16.44 -8.15 19.59
N VAL A 582 -16.71 -6.98 19.03
CA VAL A 582 -17.00 -5.73 19.76
C VAL A 582 -18.13 -5.05 19.00
N PHE A 583 -18.76 -4.08 19.66
CA PHE A 583 -19.94 -3.40 19.11
C PHE A 583 -19.75 -1.90 19.29
N SER A 584 -18.98 -1.30 18.42
CA SER A 584 -18.63 0.11 18.51
C SER A 584 -19.30 1.05 17.50
N LEU A 585 -20.04 0.49 16.54
CA LEU A 585 -20.64 1.36 15.52
C LEU A 585 -21.68 2.34 16.09
N PRO A 586 -22.60 1.90 16.99
CA PRO A 586 -23.53 2.87 17.55
C PRO A 586 -22.81 4.00 18.31
N ASP A 587 -21.76 3.67 19.08
CA ASP A 587 -20.98 4.65 19.84
CA ASP A 587 -21.04 4.72 19.81
C ASP A 587 -20.37 5.69 18.86
N MET A 588 -19.74 5.17 17.81
CA MET A 588 -19.12 6.04 16.83
C MET A 588 -20.14 6.95 16.13
N ILE A 589 -21.30 6.38 15.75
CA ILE A 589 -22.34 7.18 15.13
C ILE A 589 -22.86 8.25 16.08
N ASP A 590 -23.09 7.89 17.34
CA ASP A 590 -23.57 8.88 18.31
C ASP A 590 -22.56 10.02 18.50
N GLN A 591 -21.27 9.69 18.49
CA GLN A 591 -20.25 10.73 18.65
C GLN A 591 -20.06 11.59 17.39
N LEU A 592 -20.33 10.99 16.22
CA LEU A 592 -20.27 11.75 14.96
C LEU A 592 -21.48 12.64 14.72
N ARG A 593 -22.65 12.22 15.23
CA ARG A 593 -23.91 12.87 14.86
C ARG A 593 -23.87 14.41 14.93
N PRO A 594 -23.42 15.02 16.05
CA PRO A 594 -23.48 16.49 16.05
C PRO A 594 -22.53 17.12 15.03
N LYS A 595 -21.40 16.47 14.75
N LYS A 595 -21.40 16.48 14.78
CA LYS A 595 -20.47 16.99 13.76
CA LYS A 595 -20.46 16.97 13.76
C LYS A 595 -21.05 16.86 12.35
C LYS A 595 -21.09 16.89 12.37
N TYR A 596 -21.80 15.79 12.11
CA TYR A 596 -22.52 15.63 10.86
C TYR A 596 -23.61 16.68 10.69
N GLN A 597 -24.39 16.93 11.75
CA GLN A 597 -25.41 17.97 11.66
C GLN A 597 -24.81 19.35 11.43
N ALA A 598 -23.70 19.66 12.12
CA ALA A 598 -23.03 20.96 11.91
C ALA A 598 -22.49 21.05 10.47
N ALA A 599 -21.98 19.93 9.94
CA ALA A 599 -21.47 19.93 8.57
C ALA A 599 -22.59 20.15 7.56
N LEU A 600 -23.76 19.56 7.80
CA LEU A 600 -24.91 19.81 6.91
C LEU A 600 -25.28 21.29 6.90
N GLU A 601 -25.31 21.89 8.07
CA GLU A 601 -25.67 23.32 8.17
C GLU A 601 -24.64 24.20 7.45
N LYS A 602 -23.36 23.90 7.64
CA LYS A 602 -22.30 24.63 6.95
C LYS A 602 -22.45 24.50 5.44
N ALA A 603 -22.71 23.29 4.96
CA ALA A 603 -22.87 23.08 3.53
C ALA A 603 -24.02 23.90 2.96
N GLN A 604 -25.15 23.93 3.66
CA GLN A 604 -26.27 24.76 3.19
C GLN A 604 -25.90 26.24 3.14
N LYS A 605 -25.25 26.72 4.19
CA LYS A 605 -24.91 28.14 4.30
C LYS A 605 -23.88 28.60 3.27
N GLU A 606 -22.93 27.73 2.95
CA GLU A 606 -21.78 28.15 2.18
C GLU A 606 -21.92 27.79 0.70
N SER A 607 -22.97 27.07 0.34
CA SER A 607 -23.23 26.76 -1.07
C SER A 607 -23.56 28.06 -1.82
N THR A 608 -23.21 28.07 -3.10
CA THR A 608 -23.58 29.18 -3.98
C THR A 608 -24.28 28.61 -5.21
N ALA A 609 -24.69 29.46 -6.14
CA ALA A 609 -25.42 28.97 -7.32
C ALA A 609 -24.59 27.98 -8.14
N THR A 610 -23.29 28.20 -8.14
CA THR A 610 -22.40 27.38 -8.95
C THR A 610 -21.58 26.37 -8.14
N HIS A 611 -21.35 26.61 -6.85
CA HIS A 611 -20.48 25.75 -6.07
C HIS A 611 -21.32 25.15 -4.94
N LYS A 612 -21.75 23.91 -5.17
CA LYS A 612 -22.71 23.25 -4.28
CA LYS A 612 -22.72 23.21 -4.31
C LYS A 612 -21.98 22.32 -3.32
N LYS A 613 -22.28 22.51 -2.03
CA LYS A 613 -21.62 21.73 -0.99
C LYS A 613 -22.52 20.62 -0.48
N GLY A 614 -21.90 19.51 -0.09
CA GLY A 614 -22.63 18.36 0.42
C GLY A 614 -21.82 17.58 1.44
N VAL A 615 -22.52 16.71 2.16
CA VAL A 615 -21.95 15.89 3.22
C VAL A 615 -22.40 14.48 2.99
N GLY A 616 -21.46 13.53 3.07
CA GLY A 616 -21.76 12.11 2.88
C GLY A 616 -21.17 11.26 3.98
N ILE A 617 -21.86 10.16 4.26
CA ILE A 617 -21.48 9.21 5.31
C ILE A 617 -21.24 7.83 4.69
N SER A 618 -20.38 7.05 5.35
CA SER A 618 -20.33 5.60 5.08
C SER A 618 -19.76 4.90 6.31
N ILE A 619 -19.98 3.60 6.38
CA ILE A 619 -19.34 2.72 7.37
C ILE A 619 -18.30 1.87 6.64
N GLY A 620 -17.23 1.53 7.36
CA GLY A 620 -16.25 0.56 6.86
C GLY A 620 -15.99 -0.52 7.89
N VAL A 621 -15.74 -1.73 7.39
CA VAL A 621 -15.41 -2.89 8.22
C VAL A 621 -14.38 -3.69 7.44
N TYR A 622 -13.41 -4.28 8.13
CA TYR A 622 -12.51 -5.24 7.46
C TYR A 622 -11.89 -6.15 8.52
N GLY A 623 -11.47 -7.34 8.11
CA GLY A 623 -10.79 -8.25 9.02
C GLY A 623 -9.36 -7.83 9.28
N SER A 624 -8.85 -8.22 10.44
CA SER A 624 -7.41 -8.20 10.74
C SER A 624 -6.94 -9.66 10.81
N GLY A 625 -6.27 -10.11 9.77
CA GLY A 625 -5.89 -11.51 9.64
C GLY A 625 -6.04 -11.99 8.22
N LEU A 626 -5.44 -13.12 7.95
CA LEU A 626 -5.81 -13.93 6.80
C LEU A 626 -6.79 -15.01 7.27
N ASP A 627 -7.63 -15.49 6.37
CA ASP A 627 -8.83 -16.25 6.75
C ASP A 627 -8.50 -17.53 7.51
N GLY A 628 -9.32 -17.83 8.50
CA GLY A 628 -9.15 -19.06 9.26
C GLY A 628 -8.12 -18.87 10.37
N PRO A 629 -7.56 -19.97 10.90
CA PRO A 629 -6.71 -19.89 12.10
C PRO A 629 -5.28 -19.50 11.73
N ASP A 630 -5.16 -18.22 11.37
CA ASP A 630 -3.91 -17.59 11.05
C ASP A 630 -2.99 -17.63 12.26
N ALA A 631 -1.69 -17.48 12.03
CA ALA A 631 -0.71 -17.65 13.11
C ALA A 631 0.56 -16.88 12.79
N SER A 632 1.35 -16.66 13.84
CA SER A 632 2.66 -16.03 13.69
C SER A 632 3.62 -16.55 14.74
N GLU A 633 4.87 -16.17 14.59
CA GLU A 633 5.97 -16.57 15.45
C GLU A 633 6.96 -15.43 15.55
N ALA A 634 7.60 -15.32 16.71
CA ALA A 634 8.64 -14.33 16.99
C ALA A 634 9.64 -14.97 17.93
N TRP A 635 10.87 -14.46 17.91
CA TRP A 635 11.91 -14.90 18.86
C TRP A 635 12.37 -13.67 19.63
N ALA A 636 12.38 -13.75 20.95
CA ALA A 636 12.86 -12.65 21.79
C ALA A 636 14.19 -13.07 22.38
N GLU A 637 15.24 -12.28 22.11
CA GLU A 637 16.60 -12.65 22.46
C GLU A 637 17.30 -11.58 23.27
N LEU A 638 17.77 -11.97 24.46
CA LEU A 638 18.65 -11.13 25.27
C LEU A 638 20.07 -11.25 24.69
N ASN A 639 20.62 -10.13 24.22
CA ASN A 639 21.97 -10.10 23.66
C ASN A 639 23.02 -9.82 24.74
N ALA A 640 24.28 -10.12 24.41
CA ALA A 640 25.36 -9.99 25.38
C ALA A 640 25.46 -8.59 25.95
N ASP A 641 25.14 -7.59 25.13
CA ASP A 641 25.25 -6.20 25.52
C ASP A 641 24.02 -5.65 26.27
N GLY A 642 23.06 -6.53 26.61
CA GLY A 642 21.87 -6.15 27.34
C GLY A 642 20.73 -5.63 26.49
N THR A 643 20.95 -5.43 25.19
CA THR A 643 19.84 -5.14 24.29
C THR A 643 19.03 -6.42 24.06
N ILE A 644 17.84 -6.26 23.50
CA ILE A 644 16.96 -7.36 23.18
C ILE A 644 16.58 -7.25 21.71
N THR A 645 16.79 -8.34 20.96
CA THR A 645 16.38 -8.41 19.57
C THR A 645 15.09 -9.21 19.49
N VAL A 646 14.10 -8.64 18.81
CA VAL A 646 12.84 -9.30 18.59
C VAL A 646 12.84 -9.69 17.11
N HIS A 647 13.05 -10.98 16.85
CA HIS A 647 13.21 -11.53 15.52
C HIS A 647 11.83 -11.85 14.97
N THR A 648 11.48 -11.22 13.85
CA THR A 648 10.23 -11.47 13.13
C THR A 648 10.51 -11.30 11.63
N ALA A 649 9.56 -11.76 10.82
CA ALA A 649 9.48 -11.41 9.40
C ALA A 649 8.33 -10.43 9.16
N TRP A 650 8.14 -9.47 10.03
CA TRP A 650 7.10 -8.43 9.84
C TRP A 650 7.55 -7.51 8.71
N GLU A 651 6.97 -7.66 7.52
CA GLU A 651 7.45 -6.94 6.36
C GLU A 651 6.97 -5.49 6.39
N ASP A 652 7.92 -4.57 6.15
CA ASP A 652 7.64 -3.13 6.19
C ASP A 652 7.46 -2.57 4.78
N HIS A 653 6.19 -2.34 4.43
CA HIS A 653 5.87 -1.55 3.25
C HIS A 653 6.28 -0.08 3.45
N GLY A 654 6.45 0.31 4.73
CA GLY A 654 6.51 1.69 5.16
C GLY A 654 5.47 2.03 6.23
N GLN A 655 4.57 1.08 6.52
CA GLN A 655 3.50 1.33 7.50
C GLN A 655 4.00 1.45 8.92
N GLY A 656 5.13 0.82 9.24
CA GLY A 656 5.69 0.86 10.58
C GLY A 656 5.94 -0.48 11.22
N ALA A 657 6.47 -1.45 10.47
CA ALA A 657 6.83 -2.74 11.09
C ALA A 657 7.84 -2.56 12.22
N ASP A 658 8.78 -1.62 12.05
CA ASP A 658 9.78 -1.31 13.07
C ASP A 658 9.18 -0.86 14.40
N ILE A 659 8.34 0.16 14.32
CA ILE A 659 7.72 0.70 15.54
C ILE A 659 6.67 -0.24 16.12
N GLY A 660 5.95 -0.98 15.26
CA GLY A 660 5.03 -1.99 15.78
C GLY A 660 5.77 -3.02 16.61
N CYS A 661 6.91 -3.46 16.11
CA CYS A 661 7.70 -4.44 16.88
C CYS A 661 8.18 -3.83 18.19
N VAL A 662 8.83 -2.67 18.10
CA VAL A 662 9.41 -2.05 19.30
C VAL A 662 8.36 -1.68 20.34
N GLY A 663 7.25 -1.09 19.91
CA GLY A 663 6.22 -0.69 20.85
C GLY A 663 5.53 -1.87 21.51
N THR A 664 5.23 -2.92 20.74
CA THR A 664 4.60 -4.10 21.30
C THR A 664 5.54 -4.83 22.26
N ALA A 665 6.80 -5.00 21.86
CA ALA A 665 7.77 -5.61 22.74
C ALA A 665 8.00 -4.77 23.99
N HIS A 666 8.07 -3.46 23.85
CA HIS A 666 8.28 -2.61 25.02
C HIS A 666 7.20 -2.84 26.06
N GLU A 667 5.95 -2.87 25.61
CA GLU A 667 4.82 -3.07 26.53
C GLU A 667 4.90 -4.45 27.19
N ALA A 668 5.22 -5.49 26.40
CA ALA A 668 5.31 -6.82 26.97
C ALA A 668 6.49 -6.98 27.94
N LEU A 669 7.53 -6.19 27.75
CA LEU A 669 8.77 -6.29 28.55
C LEU A 669 8.78 -5.37 29.77
N ARG A 670 7.72 -4.61 29.99
CA ARG A 670 7.73 -3.62 31.09
C ARG A 670 8.10 -4.19 32.46
N PRO A 671 7.70 -5.43 32.79
CA PRO A 671 8.08 -5.92 34.13
C PRO A 671 9.59 -5.93 34.35
N MET A 672 10.35 -6.10 33.27
CA MET A 672 11.83 -6.12 33.34
C MET A 672 12.48 -4.76 33.07
N GLY A 673 11.65 -3.74 32.79
CA GLY A 673 12.18 -2.37 32.73
C GLY A 673 13.07 -2.11 31.52
N VAL A 674 12.67 -2.60 30.33
CA VAL A 674 13.53 -2.50 29.15
C VAL A 674 13.27 -1.17 28.40
N ALA A 675 14.30 -0.34 28.24
CA ALA A 675 14.17 0.93 27.51
C ALA A 675 13.92 0.69 26.03
N PRO A 676 13.11 1.54 25.38
CA PRO A 676 12.74 1.26 23.99
C PRO A 676 13.92 1.26 23.04
N GLU A 677 14.94 2.08 23.30
CA GLU A 677 16.07 2.16 22.40
C GLU A 677 16.96 0.90 22.49
N LYS A 678 16.72 0.05 23.51
CA LYS A 678 17.42 -1.22 23.66
C LYS A 678 16.75 -2.38 22.92
N ILE A 679 15.63 -2.12 22.26
CA ILE A 679 14.89 -3.15 21.53
C ILE A 679 15.12 -3.02 20.04
N LYS A 680 15.60 -4.10 19.46
CA LYS A 680 15.96 -4.16 18.03
CA LYS A 680 15.98 -4.15 18.03
C LYS A 680 14.98 -5.01 17.25
N PHE A 681 14.73 -4.61 16.02
CA PHE A 681 13.86 -5.37 15.09
C PHE A 681 14.74 -6.01 14.02
N THR A 682 14.18 -6.94 13.26
CA THR A 682 14.93 -7.63 12.21
C THR A 682 14.25 -7.43 10.86
N TRP A 683 15.05 -7.15 9.82
CA TRP A 683 14.52 -7.12 8.47
C TRP A 683 14.13 -8.54 8.04
N PRO A 684 13.04 -8.69 7.30
CA PRO A 684 12.57 -10.05 6.94
C PRO A 684 13.56 -10.83 6.07
N ASN A 685 13.80 -12.09 6.43
CA ASN A 685 14.78 -12.94 5.76
C ASN A 685 14.31 -14.39 5.97
N THR A 686 14.05 -15.13 4.91
CA THR A 686 13.47 -16.47 5.10
C THR A 686 14.41 -17.46 5.78
N ALA A 687 15.70 -17.21 5.73
CA ALA A 687 16.66 -18.11 6.35
C ALA A 687 16.83 -17.86 7.83
N THR A 688 16.71 -16.60 8.26
CA THR A 688 17.14 -16.24 9.62
C THR A 688 16.06 -15.55 10.48
N THR A 689 14.83 -15.44 9.96
CA THR A 689 13.71 -14.93 10.74
C THR A 689 12.57 -15.93 10.64
N PRO A 690 11.69 -15.98 11.66
CA PRO A 690 10.61 -16.94 11.65
C PRO A 690 9.49 -16.57 10.67
N ASN A 691 8.65 -17.54 10.33
CA ASN A 691 7.53 -17.34 9.42
C ASN A 691 6.38 -16.60 10.09
N SER A 692 6.55 -15.29 10.20
CA SER A 692 5.54 -14.42 10.79
C SER A 692 4.37 -14.17 9.84
N GLY A 693 4.58 -14.48 8.57
CA GLY A 693 3.53 -14.33 7.58
C GLY A 693 3.62 -13.00 6.89
N PRO A 694 2.79 -12.82 5.86
CA PRO A 694 2.85 -11.61 5.04
C PRO A 694 2.22 -10.42 5.70
N SER A 695 2.65 -9.23 5.29
CA SER A 695 1.97 -8.00 5.70
C SER A 695 0.82 -7.71 4.73
N GLY A 696 -0.24 -8.53 4.84
CA GLY A 696 -1.47 -8.38 4.09
C GLY A 696 -2.61 -8.68 5.05
N GLY A 697 -3.78 -8.15 4.71
CA GLY A 697 -4.98 -8.37 5.53
C GLY A 697 -4.93 -7.66 6.86
N SER A 698 -4.18 -6.55 6.95
CA SER A 698 -4.19 -5.73 8.16
C SER A 698 -3.96 -6.62 9.36
N ARG A 699 -2.97 -7.51 9.27
CA ARG A 699 -2.84 -8.65 10.18
C ARG A 699 -1.66 -8.60 11.14
N GLN A 700 -0.63 -7.81 10.83
CA GLN A 700 0.62 -8.02 11.56
C GLN A 700 0.53 -7.57 13.01
N GLN A 701 -0.04 -6.40 13.26
CA GLN A 701 -0.19 -5.97 14.63
C GLN A 701 -0.92 -7.01 15.49
N VAL A 702 -1.98 -7.61 14.95
CA VAL A 702 -2.69 -8.65 15.70
C VAL A 702 -1.87 -9.94 15.80
N MET A 703 -1.46 -10.50 14.65
CA MET A 703 -0.86 -11.85 14.63
C MET A 703 0.56 -11.83 15.14
N THR A 704 1.39 -11.01 14.49
CA THR A 704 2.77 -10.88 14.89
C THR A 704 2.91 -10.10 16.20
N GLY A 705 2.05 -9.11 16.43
CA GLY A 705 2.06 -8.46 17.74
C GLY A 705 1.77 -9.44 18.87
N ASN A 706 0.77 -10.31 18.69
CA ASN A 706 0.55 -11.35 19.71
C ASN A 706 1.76 -12.28 19.84
N ALA A 707 2.37 -12.70 18.71
CA ALA A 707 3.54 -13.59 18.81
C ALA A 707 4.70 -12.90 19.53
N ILE A 708 4.91 -11.61 19.24
CA ILE A 708 5.93 -10.82 19.95
C ILE A 708 5.61 -10.77 21.44
N ARG A 709 4.35 -10.46 21.77
CA ARG A 709 3.92 -10.42 23.17
C ARG A 709 4.27 -11.74 23.88
N VAL A 710 3.85 -12.87 23.27
CA VAL A 710 4.11 -14.18 23.86
C VAL A 710 5.61 -14.48 23.96
N ALA A 711 6.38 -14.18 22.91
CA ALA A 711 7.81 -14.40 22.98
C ALA A 711 8.44 -13.59 24.13
N CYS A 712 8.03 -12.35 24.27
CA CYS A 712 8.55 -11.49 25.33
C CYS A 712 8.12 -11.97 26.72
N GLU A 713 6.88 -12.41 26.87
CA GLU A 713 6.43 -13.02 28.12
C GLU A 713 7.32 -14.23 28.44
N ASN A 714 7.63 -15.02 27.42
CA ASN A 714 8.45 -16.21 27.59
C ASN A 714 9.90 -15.85 27.95
N LEU A 715 10.42 -14.78 27.35
CA LEU A 715 11.75 -14.28 27.74
C LEU A 715 11.75 -13.80 29.20
N LEU A 716 10.69 -13.12 29.63
CA LEU A 716 10.60 -12.71 31.04
C LEU A 716 10.69 -13.93 31.96
N LYS A 717 9.95 -14.98 31.62
CA LYS A 717 9.98 -16.20 32.43
C LYS A 717 11.40 -16.80 32.45
N ALA A 718 12.06 -16.80 31.30
CA ALA A 718 13.42 -17.31 31.17
C ALA A 718 14.43 -16.50 32.01
N CYS A 719 14.15 -15.22 32.24
CA CYS A 719 15.03 -14.33 33.00
C CYS A 719 14.69 -14.21 34.49
N GLU A 720 13.50 -14.64 34.89
CA GLU A 720 13.06 -14.45 36.27
C GLU A 720 13.98 -15.13 37.28
N LYS A 721 14.37 -14.39 38.32
CA LYS A 721 15.17 -14.93 39.39
C LYS A 721 14.29 -15.47 40.46
N PRO A 722 14.71 -16.62 41.07
CA PRO A 722 14.14 -17.03 42.31
C PRO A 722 14.33 -15.92 43.35
N GLY A 723 13.18 -15.57 43.90
CA GLY A 723 13.08 -14.60 44.98
C GLY A 723 12.70 -13.22 44.51
N GLY A 724 12.64 -13.01 43.20
CA GLY A 724 12.24 -11.73 42.62
C GLY A 724 13.37 -11.12 41.81
N GLY A 725 13.01 -10.28 40.86
CA GLY A 725 13.99 -9.70 39.95
C GLY A 725 14.29 -10.57 38.76
N TYR A 726 15.31 -10.16 38.02
CA TYR A 726 15.67 -10.77 36.75
C TYR A 726 17.17 -10.97 36.67
N TYR A 727 17.58 -12.12 36.15
CA TYR A 727 18.97 -12.40 35.80
C TYR A 727 19.44 -11.56 34.62
N THR A 728 20.72 -11.19 34.64
CA THR A 728 21.37 -10.56 33.50
C THR A 728 21.82 -11.61 32.50
N TYR A 729 22.23 -11.17 31.30
CA TYR A 729 22.76 -12.07 30.27
C TYR A 729 23.91 -12.88 30.83
N ASP A 730 24.82 -12.20 31.52
CA ASP A 730 26.01 -12.88 32.03
C ASP A 730 25.62 -13.98 33.01
N GLU A 731 24.63 -13.70 33.85
CA GLU A 731 24.17 -14.67 34.85
C GLU A 731 23.54 -15.89 34.18
N LEU A 732 22.74 -15.65 33.13
CA LEU A 732 22.12 -16.74 32.40
C LEU A 732 23.15 -17.59 31.66
N LYS A 733 24.09 -16.96 30.97
CA LYS A 733 25.10 -17.74 30.25
C LYS A 733 25.99 -18.53 31.21
N ALA A 734 26.31 -17.96 32.39
CA ALA A 734 27.09 -18.68 33.43
C ALA A 734 26.41 -19.97 33.90
N ALA A 735 25.07 -19.93 33.88
CA ALA A 735 24.22 -21.05 34.27
C ALA A 735 23.83 -21.95 33.10
N ASP A 736 24.40 -21.70 31.92
CA ASP A 736 24.09 -22.45 30.70
C ASP A 736 22.57 -22.46 30.41
N LYS A 737 21.93 -21.31 30.64
CA LYS A 737 20.50 -21.11 30.42
C LYS A 737 20.24 -20.42 29.07
N PRO A 738 19.09 -20.70 28.44
CA PRO A 738 18.76 -20.11 27.14
C PRO A 738 18.50 -18.60 27.19
N THR A 739 18.92 -17.91 26.12
CA THR A 739 18.75 -16.48 26.01
C THR A 739 17.93 -16.07 24.78
N LYS A 740 17.61 -17.01 23.89
CA LYS A 740 16.83 -16.73 22.68
C LYS A 740 15.57 -17.60 22.76
N ILE A 741 14.42 -16.94 22.91
CA ILE A 741 13.22 -17.60 23.38
C ILE A 741 12.09 -17.42 22.35
N THR A 742 11.43 -18.51 21.98
CA THR A 742 10.36 -18.47 20.99
C THR A 742 8.99 -18.15 21.61
N GLY A 743 8.15 -17.49 20.81
CA GLY A 743 6.72 -17.38 21.08
C GLY A 743 5.93 -17.54 19.80
N ASN A 744 4.77 -18.16 19.93
CA ASN A 744 3.84 -18.36 18.83
C ASN A 744 2.45 -17.94 19.26
N TRP A 745 1.61 -17.60 18.28
CA TRP A 745 0.21 -17.30 18.55
C TRP A 745 -0.62 -17.67 17.34
N THR A 746 -1.79 -18.25 17.60
CA THR A 746 -2.74 -18.63 16.57
C THR A 746 -4.12 -18.06 16.89
N ALA A 747 -4.82 -17.63 15.85
CA ALA A 747 -6.22 -17.19 15.91
C ALA A 747 -7.15 -18.40 15.96
N SER A 748 -7.04 -19.18 17.02
N SER A 748 -7.12 -19.08 17.10
CA SER A 748 -7.82 -20.43 17.09
CA SER A 748 -7.71 -20.43 17.24
C SER A 748 -9.32 -20.08 17.14
C SER A 748 -9.22 -20.53 16.93
N GLY A 749 -10.13 -20.94 16.58
N GLY A 749 -9.95 -19.44 17.12
CA GLY A 749 -11.55 -20.61 16.53
CA GLY A 749 -11.40 -19.45 16.97
C GLY A 749 -11.96 -19.62 15.43
C GLY A 749 -11.91 -19.49 15.52
N ALA A 750 -11.04 -19.15 14.59
CA ALA A 750 -11.45 -18.75 13.25
C ALA A 750 -11.67 -19.99 12.38
N THR A 751 -12.59 -19.88 11.45
CA THR A 751 -12.85 -20.92 10.44
C THR A 751 -13.02 -20.29 9.07
N HIS A 752 -12.56 -21.00 8.06
CA HIS A 752 -12.70 -20.59 6.67
C HIS A 752 -14.15 -20.68 6.22
N CYS A 753 -14.59 -19.65 5.50
CA CYS A 753 -15.93 -19.64 4.93
C CYS A 753 -16.19 -20.82 3.98
N ASP A 754 -17.36 -21.41 4.12
CA ASP A 754 -17.75 -22.58 3.33
C ASP A 754 -17.84 -22.27 1.83
N ALA A 755 -17.43 -23.25 1.03
CA ALA A 755 -17.42 -23.10 -0.41
C ALA A 755 -18.82 -23.04 -1.04
N VAL A 756 -19.83 -23.59 -0.35
CA VAL A 756 -21.19 -23.64 -0.85
C VAL A 756 -22.05 -22.50 -0.29
N THR A 757 -21.91 -22.21 0.99
CA THR A 757 -22.78 -21.21 1.63
C THR A 757 -22.12 -19.87 1.92
N GLY A 758 -20.79 -19.83 1.93
CA GLY A 758 -20.08 -18.61 2.34
C GLY A 758 -20.03 -18.34 3.83
N LEU A 759 -20.62 -19.21 4.64
CA LEU A 759 -20.72 -18.97 6.08
C LEU A 759 -19.47 -19.44 6.79
N GLY A 760 -19.09 -18.72 7.85
CA GLY A 760 -17.92 -19.08 8.64
C GLY A 760 -17.52 -17.95 9.55
N LYS A 761 -16.36 -18.12 10.19
CA LYS A 761 -15.86 -17.16 11.18
CA LYS A 761 -15.86 -17.16 11.18
C LYS A 761 -14.44 -16.79 10.75
N PRO A 762 -14.29 -16.05 9.64
CA PRO A 762 -12.98 -16.03 8.97
C PRO A 762 -11.89 -15.28 9.74
N PHE A 763 -12.29 -14.28 10.54
CA PHE A 763 -11.35 -13.46 11.31
C PHE A 763 -11.85 -13.37 12.73
N VAL A 764 -10.92 -13.31 13.70
CA VAL A 764 -11.29 -13.17 15.10
C VAL A 764 -11.28 -11.71 15.57
N VAL A 765 -10.68 -10.84 14.75
CA VAL A 765 -10.62 -9.40 14.99
C VAL A 765 -10.99 -8.71 13.70
N TYR A 766 -11.83 -7.67 13.81
CA TYR A 766 -12.17 -6.77 12.70
C TYR A 766 -11.84 -5.34 13.12
N MET A 767 -11.76 -4.49 12.10
CA MET A 767 -11.62 -3.06 12.24
C MET A 767 -12.95 -2.42 11.87
N TYR A 768 -13.38 -1.39 12.60
CA TYR A 768 -14.68 -0.75 12.39
C TYR A 768 -14.49 0.76 12.31
N GLY A 769 -15.20 1.40 11.39
CA GLY A 769 -15.14 2.85 11.29
C GLY A 769 -16.33 3.50 10.64
N VAL A 770 -16.43 4.81 10.82
CA VAL A 770 -17.48 5.62 10.21
C VAL A 770 -16.85 6.84 9.59
N PHE A 771 -17.08 7.03 8.27
CA PHE A 771 -16.50 8.12 7.48
C PHE A 771 -17.50 9.24 7.29
N MET A 772 -16.99 10.49 7.27
CA MET A 772 -17.77 11.63 6.81
C MET A 772 -16.95 12.44 5.83
N ALA A 773 -17.52 12.68 4.65
CA ALA A 773 -16.86 13.50 3.60
C ALA A 773 -17.63 14.79 3.42
N GLU A 774 -16.89 15.88 3.28
CA GLU A 774 -17.46 17.21 2.98
C GLU A 774 -16.86 17.66 1.66
N VAL A 775 -17.72 17.96 0.67
CA VAL A 775 -17.25 18.27 -0.68
C VAL A 775 -17.94 19.51 -1.24
N THR A 776 -17.31 20.08 -2.26
CA THR A 776 -17.88 21.13 -3.09
C THR A 776 -17.81 20.67 -4.54
N VAL A 777 -18.94 20.78 -5.24
CA VAL A 777 -19.02 20.47 -6.67
C VAL A 777 -19.26 21.77 -7.42
N ASP A 778 -18.36 22.07 -8.36
CA ASP A 778 -18.57 23.17 -9.33
C ASP A 778 -19.50 22.64 -10.39
N VAL A 779 -20.77 23.07 -10.37
CA VAL A 779 -21.72 22.48 -11.27
C VAL A 779 -21.58 22.96 -12.71
N ALA A 780 -20.73 23.96 -12.95
CA ALA A 780 -20.41 24.36 -14.33
C ALA A 780 -19.42 23.41 -14.99
N THR A 781 -18.60 22.72 -14.18
CA THR A 781 -17.53 21.89 -14.73
C THR A 781 -17.62 20.41 -14.32
N GLY A 782 -18.37 20.11 -13.24
CA GLY A 782 -18.37 18.78 -12.69
C GLY A 782 -17.20 18.46 -11.79
N GLN A 783 -16.31 19.42 -11.54
N GLN A 783 -16.33 19.44 -11.50
CA GLN A 783 -15.17 19.16 -10.68
CA GLN A 783 -15.17 19.21 -10.65
C GLN A 783 -15.61 19.15 -9.21
C GLN A 783 -15.51 19.21 -9.17
N THR A 784 -15.18 18.12 -8.49
CA THR A 784 -15.38 17.97 -7.06
C THR A 784 -14.09 18.27 -6.32
N THR A 785 -14.18 19.06 -5.26
CA THR A 785 -13.10 19.28 -4.30
C THR A 785 -13.53 18.68 -2.98
N VAL A 786 -12.68 17.85 -2.37
CA VAL A 786 -12.95 17.32 -1.04
C VAL A 786 -12.36 18.32 -0.05
N ASP A 787 -13.23 18.92 0.76
CA ASP A 787 -12.85 19.97 1.69
C ASP A 787 -12.54 19.44 3.08
N GLY A 788 -13.01 18.23 3.39
CA GLY A 788 -12.75 17.62 4.69
C GLY A 788 -13.11 16.15 4.67
N MET A 789 -12.35 15.37 5.44
CA MET A 789 -12.67 13.95 5.71
CA MET A 789 -12.75 14.02 5.75
C MET A 789 -12.55 13.74 7.21
N THR A 790 -13.49 12.99 7.75
CA THR A 790 -13.45 12.54 9.14
C THR A 790 -13.55 11.01 9.14
N LEU A 791 -12.72 10.38 9.99
CA LEU A 791 -12.89 8.95 10.30
C LEU A 791 -13.03 8.77 11.81
N MET A 792 -14.18 8.23 12.21
CA MET A 792 -14.34 7.62 13.52
C MET A 792 -13.75 6.21 13.38
N ALA A 793 -12.76 5.88 14.23
CA ALA A 793 -12.05 4.61 14.08
C ALA A 793 -11.99 3.87 15.40
N ASP A 794 -12.33 2.58 15.39
CA ASP A 794 -12.17 1.71 16.55
C ASP A 794 -11.04 0.75 16.22
N LEU A 795 -9.86 1.06 16.79
CA LEU A 795 -8.65 0.24 16.61
C LEU A 795 -8.31 -0.56 17.86
N GLY A 796 -9.20 -0.56 18.85
CA GLY A 796 -9.01 -1.40 20.05
C GLY A 796 -8.12 -0.76 21.09
N SER A 797 -6.87 -0.51 20.68
CA SER A 797 -5.84 0.15 21.49
C SER A 797 -4.74 0.52 20.50
N LEU A 798 -4.13 1.68 20.66
CA LEU A 798 -3.08 2.11 19.72
C LEU A 798 -1.71 1.61 20.15
N CYS A 799 -1.02 0.87 19.30
CA CYS A 799 0.42 0.63 19.58
C CYS A 799 1.20 1.94 19.50
N ASN A 800 0.98 2.70 18.42
CA ASN A 800 1.71 3.96 18.25
C ASN A 800 0.84 4.94 17.48
N GLN A 801 0.57 6.09 18.08
CA GLN A 801 -0.36 7.04 17.45
C GLN A 801 0.26 7.71 16.22
N LEU A 802 1.58 7.94 16.18
CA LEU A 802 2.12 8.47 14.90
C LEU A 802 1.86 7.48 13.78
N ALA A 803 2.02 6.20 14.07
CA ALA A 803 1.79 5.16 13.03
C ALA A 803 0.30 5.16 12.63
N THR A 804 -0.61 5.11 13.59
CA THR A 804 -2.03 4.96 13.23
C THR A 804 -2.60 6.23 12.59
N ASP A 805 -2.26 7.40 13.12
CA ASP A 805 -2.74 8.64 12.48
C ASP A 805 -2.30 8.65 11.01
N GLY A 806 -1.02 8.32 10.77
CA GLY A 806 -0.49 8.35 9.43
C GLY A 806 -1.16 7.35 8.52
N GLN A 807 -1.41 6.14 9.04
CA GLN A 807 -2.11 5.13 8.24
C GLN A 807 -3.47 5.65 7.79
N ILE A 808 -4.19 6.28 8.71
CA ILE A 808 -5.54 6.75 8.41
C ILE A 808 -5.47 7.89 7.38
N TYR A 809 -4.58 8.87 7.58
CA TYR A 809 -4.49 9.96 6.59
C TYR A 809 -4.14 9.43 5.21
N GLY A 810 -3.19 8.49 5.14
CA GLY A 810 -2.82 7.94 3.84
C GLY A 810 -3.96 7.20 3.17
N GLY A 811 -4.72 6.43 3.94
CA GLY A 811 -5.85 5.71 3.33
C GLY A 811 -6.95 6.64 2.87
N LEU A 812 -7.22 7.69 3.65
CA LEU A 812 -8.21 8.66 3.23
C LEU A 812 -7.83 9.34 1.90
N ALA A 813 -6.54 9.64 1.74
CA ALA A 813 -6.09 10.26 0.48
C ALA A 813 -6.24 9.30 -0.70
N GLN A 814 -5.92 8.02 -0.51
CA GLN A 814 -6.14 7.05 -1.57
C GLN A 814 -7.63 6.91 -1.89
N GLY A 815 -8.49 7.10 -0.88
CA GLY A 815 -9.93 7.10 -1.10
C GLY A 815 -10.40 8.25 -1.97
N ILE A 816 -9.80 9.43 -1.75
CA ILE A 816 -10.10 10.58 -2.61
C ILE A 816 -9.70 10.29 -4.04
N GLY A 817 -8.52 9.70 -4.23
CA GLY A 817 -8.13 9.30 -5.58
C GLY A 817 -9.09 8.30 -6.19
N LEU A 818 -9.42 7.23 -5.46
CA LEU A 818 -10.33 6.23 -5.96
C LEU A 818 -11.68 6.84 -6.36
N ALA A 819 -12.17 7.76 -5.51
CA ALA A 819 -13.47 8.38 -5.78
C ALA A 819 -13.46 9.25 -7.03
N LEU A 820 -12.40 10.06 -7.20
CA LEU A 820 -12.46 11.22 -8.12
C LEU A 820 -11.59 11.13 -9.36
N SER A 821 -10.43 10.44 -9.28
CA SER A 821 -9.44 10.65 -10.34
C SER A 821 -8.67 9.44 -10.85
N GLU A 822 -8.58 8.35 -10.08
CA GLU A 822 -7.63 7.29 -10.38
C GLU A 822 -8.22 6.16 -11.19
N ASP A 823 -7.45 5.62 -12.12
CA ASP A 823 -7.77 4.36 -12.79
C ASP A 823 -6.54 3.89 -13.55
N PHE A 824 -6.57 2.63 -13.94
CA PHE A 824 -5.64 2.08 -14.91
C PHE A 824 -6.44 1.31 -15.96
N GLU A 825 -6.95 2.04 -16.93
CA GLU A 825 -7.77 1.51 -18.02
C GLU A 825 -7.07 1.63 -19.36
N ASP A 826 -6.45 2.78 -19.59
CA ASP A 826 -5.77 3.10 -20.83
CA ASP A 826 -5.73 3.04 -20.89
C ASP A 826 -4.27 2.78 -20.63
N ILE A 827 -3.77 1.75 -21.31
CA ILE A 827 -2.45 1.19 -21.04
C ILE A 827 -1.35 2.25 -21.14
N LYS A 828 -1.46 3.19 -22.09
CA LYS A 828 -0.44 4.24 -22.24
C LYS A 828 -0.82 5.50 -21.46
N LYS A 829 -2.06 5.98 -21.57
CA LYS A 829 -2.39 7.28 -20.98
C LYS A 829 -2.34 7.22 -19.45
N HIS A 830 -2.63 6.05 -18.87
CA HIS A 830 -2.65 5.90 -17.40
C HIS A 830 -1.32 5.38 -16.85
N ALA A 831 -0.26 5.40 -17.68
CA ALA A 831 1.04 4.87 -17.28
C ALA A 831 1.97 5.93 -16.67
N THR A 832 1.43 7.12 -16.37
CA THR A 832 2.16 8.16 -15.61
C THR A 832 1.34 8.53 -14.38
N LEU A 833 2.00 9.12 -13.38
CA LEU A 833 1.31 9.63 -12.19
C LEU A 833 0.21 10.61 -12.57
N VAL A 834 0.54 11.59 -13.40
CA VAL A 834 -0.46 12.60 -13.75
C VAL A 834 -1.56 12.00 -14.62
N GLY A 835 -1.19 11.10 -15.51
CA GLY A 835 -2.17 10.51 -16.41
C GLY A 835 -3.20 9.65 -15.70
N ALA A 836 -2.75 8.96 -14.64
CA ALA A 836 -3.61 8.05 -13.85
C ALA A 836 -4.30 8.74 -12.69
N GLY A 837 -4.14 10.05 -12.55
CA GLY A 837 -4.90 10.77 -11.52
C GLY A 837 -4.36 10.70 -10.10
N PHE A 838 -3.04 10.59 -9.97
CA PHE A 838 -2.41 10.62 -8.64
C PHE A 838 -2.85 11.87 -7.86
N PRO A 839 -3.19 11.72 -6.56
CA PRO A 839 -3.58 12.92 -5.79
C PRO A 839 -2.38 13.71 -5.29
N PHE A 840 -2.17 14.86 -5.90
CA PHE A 840 -1.20 15.84 -5.42
C PHE A 840 -1.81 16.59 -4.24
N ILE A 841 -0.99 17.39 -3.56
CA ILE A 841 -1.38 17.87 -2.24
C ILE A 841 -2.68 18.69 -2.24
N LYS A 842 -2.91 19.52 -3.26
CA LYS A 842 -4.15 20.32 -3.25
C LYS A 842 -5.44 19.51 -3.36
N GLN A 843 -5.34 18.28 -3.82
N GLN A 843 -5.35 18.27 -3.86
CA GLN A 843 -6.51 17.43 -3.92
CA GLN A 843 -6.50 17.36 -3.96
C GLN A 843 -6.87 16.78 -2.59
C GLN A 843 -6.87 16.77 -2.60
N ILE A 844 -5.94 16.82 -1.62
CA ILE A 844 -6.20 16.23 -0.28
C ILE A 844 -6.43 17.38 0.68
N PRO A 845 -7.57 17.43 1.36
CA PRO A 845 -7.79 18.58 2.22
C PRO A 845 -6.83 18.57 3.40
N ASP A 846 -6.51 19.77 3.91
CA ASP A 846 -5.76 19.86 5.15
C ASP A 846 -6.60 19.34 6.33
N LYS A 847 -7.93 19.46 6.23
CA LYS A 847 -8.82 18.98 7.27
CA LYS A 847 -8.85 18.97 7.29
C LYS A 847 -9.04 17.47 7.10
N LEU A 848 -8.19 16.70 7.74
CA LEU A 848 -8.35 15.24 7.86
C LEU A 848 -8.45 15.04 9.38
N ASP A 849 -9.63 14.62 9.85
CA ASP A 849 -9.92 14.49 11.27
C ASP A 849 -10.16 13.05 11.67
N ILE A 850 -9.49 12.64 12.72
CA ILE A 850 -9.66 11.31 13.31
C ILE A 850 -10.26 11.42 14.69
N VAL A 851 -11.21 10.54 15.00
CA VAL A 851 -11.67 10.35 16.38
C VAL A 851 -11.56 8.86 16.70
N TYR A 852 -10.69 8.51 17.65
CA TYR A 852 -10.57 7.12 18.08
C TYR A 852 -11.67 6.83 19.09
N VAL A 853 -12.37 5.73 18.86
CA VAL A 853 -13.44 5.24 19.76
C VAL A 853 -13.13 3.77 19.98
N ASN A 854 -12.10 3.56 20.81
CA ASN A 854 -11.46 2.24 20.87
C ASN A 854 -12.14 1.30 21.85
N HIS A 855 -12.55 0.13 21.35
CA HIS A 855 -13.15 -0.92 22.16
C HIS A 855 -12.17 -2.09 22.18
N PRO A 856 -11.43 -2.30 23.29
CA PRO A 856 -10.39 -3.35 23.30
C PRO A 856 -10.87 -4.70 22.78
N ARG A 857 -10.07 -5.30 21.90
CA ARG A 857 -10.43 -6.58 21.31
C ARG A 857 -10.04 -7.72 22.23
N PRO A 858 -10.96 -8.69 22.42
CA PRO A 858 -10.60 -9.85 23.26
C PRO A 858 -9.33 -10.57 22.83
N ASP A 859 -9.09 -10.67 21.53
CA ASP A 859 -7.98 -11.50 21.04
C ASP A 859 -6.79 -10.69 20.55
N GLY A 860 -6.86 -9.37 20.58
CA GLY A 860 -5.75 -8.55 20.10
C GLY A 860 -4.74 -8.30 21.20
N PRO A 861 -3.46 -8.06 20.82
CA PRO A 861 -2.43 -7.81 21.85
C PRO A 861 -2.72 -6.48 22.55
N PHE A 862 -2.87 -6.53 23.87
CA PHE A 862 -3.23 -5.34 24.65
C PHE A 862 -4.52 -4.70 24.14
N GLY A 863 -5.35 -5.51 23.48
CA GLY A 863 -6.62 -5.04 22.93
C GLY A 863 -6.61 -4.49 21.51
N ALA A 864 -5.45 -4.48 20.85
CA ALA A 864 -5.37 -3.87 19.52
C ALA A 864 -6.02 -4.68 18.41
N SER A 865 -6.66 -3.97 17.46
CA SER A 865 -6.90 -4.48 16.12
C SER A 865 -5.82 -3.97 15.18
N GLY A 866 -5.88 -4.37 13.90
CA GLY A 866 -5.13 -3.71 12.87
C GLY A 866 -5.66 -2.32 12.55
N VAL A 867 -4.99 -1.67 11.62
CA VAL A 867 -5.47 -0.41 11.06
C VAL A 867 -5.31 -0.30 9.55
N GLY A 868 -4.37 -1.02 8.95
CA GLY A 868 -3.86 -0.61 7.65
C GLY A 868 -4.91 -0.35 6.60
N GLU A 869 -5.85 -1.28 6.43
CA GLU A 869 -6.84 -1.17 5.38
C GLU A 869 -8.12 -0.47 5.77
N LEU A 870 -8.39 -0.30 7.08
CA LEU A 870 -9.64 0.36 7.50
C LEU A 870 -9.92 1.67 6.73
N PRO A 871 -8.94 2.59 6.62
CA PRO A 871 -9.29 3.89 6.03
C PRO A 871 -9.57 3.89 4.54
N LEU A 872 -9.36 2.75 3.83
CA LEU A 872 -9.71 2.66 2.41
C LEU A 872 -10.93 1.77 2.16
N THR A 873 -11.57 1.27 3.23
CA THR A 873 -12.75 0.41 3.06
C THR A 873 -13.88 1.10 2.30
N SER A 874 -14.26 2.31 2.72
CA SER A 874 -15.35 3.00 2.02
C SER A 874 -15.29 4.54 1.99
N PRO A 875 -14.10 5.18 2.11
CA PRO A 875 -14.13 6.67 2.05
C PRO A 875 -14.72 7.19 0.75
N HIS A 876 -14.47 6.47 -0.33
CA HIS A 876 -14.98 6.82 -1.64
C HIS A 876 -16.51 6.72 -1.74
N ALA A 877 -17.13 5.83 -0.96
CA ALA A 877 -18.59 5.84 -0.84
C ALA A 877 -19.06 7.10 -0.14
N ALA A 878 -18.42 7.49 0.97
CA ALA A 878 -18.80 8.74 1.63
C ALA A 878 -18.68 9.92 0.67
N ILE A 879 -17.60 9.95 -0.13
CA ILE A 879 -17.41 11.07 -1.08
C ILE A 879 -18.50 11.10 -2.16
N ILE A 880 -18.83 9.94 -2.74
CA ILE A 880 -19.89 9.91 -3.76
C ILE A 880 -21.22 10.23 -3.12
N ASN A 881 -21.45 9.77 -1.88
CA ASN A 881 -22.69 10.12 -1.18
C ASN A 881 -22.76 11.63 -0.94
N ALA A 882 -21.60 12.26 -0.74
CA ALA A 882 -21.52 13.71 -0.55
C ALA A 882 -21.79 14.46 -1.85
N ILE A 883 -21.30 13.95 -2.98
CA ILE A 883 -21.64 14.55 -4.27
C ILE A 883 -23.16 14.49 -4.47
N LYS A 884 -23.78 13.36 -4.13
CA LYS A 884 -25.23 13.21 -4.23
C LYS A 884 -25.93 14.23 -3.32
N SER A 885 -25.49 14.35 -2.07
CA SER A 885 -26.03 15.36 -1.14
C SER A 885 -25.97 16.75 -1.76
N ALA A 886 -24.82 17.08 -2.33
CA ALA A 886 -24.57 18.42 -2.87
C ALA A 886 -25.46 18.76 -4.07
N THR A 887 -25.63 17.79 -4.98
CA THR A 887 -26.10 18.09 -6.35
C THR A 887 -27.29 17.30 -6.82
N GLY A 888 -27.65 16.22 -6.12
CA GLY A 888 -28.66 15.30 -6.61
C GLY A 888 -28.20 14.23 -7.57
N VAL A 889 -26.92 14.27 -7.95
CA VAL A 889 -26.32 13.30 -8.91
C VAL A 889 -25.68 12.16 -8.16
N ARG A 890 -25.99 10.92 -8.56
CA ARG A 890 -25.26 9.74 -8.09
C ARG A 890 -24.37 9.19 -9.16
N ILE A 891 -23.08 9.09 -8.86
CA ILE A 891 -22.11 8.37 -9.70
C ILE A 891 -22.03 6.94 -9.23
N TYR A 892 -22.38 6.04 -10.12
CA TYR A 892 -22.42 4.59 -9.85
C TYR A 892 -21.11 3.88 -10.23
N ARG A 893 -20.37 4.45 -11.18
CA ARG A 893 -19.18 3.83 -11.77
C ARG A 893 -18.01 4.78 -11.54
N LEU A 894 -17.08 4.39 -10.67
CA LEU A 894 -15.94 5.23 -10.36
C LEU A 894 -14.92 5.25 -11.50
N PRO A 895 -14.11 6.32 -11.60
CA PRO A 895 -14.13 7.52 -10.75
C PRO A 895 -15.11 8.58 -11.28
N ALA A 896 -15.41 9.54 -10.42
CA ALA A 896 -16.27 10.68 -10.73
C ALA A 896 -15.51 11.78 -11.49
N TYR A 897 -15.07 11.44 -12.71
CA TYR A 897 -14.39 12.40 -13.57
C TYR A 897 -15.30 13.61 -13.79
N PRO A 898 -14.73 14.81 -13.94
CA PRO A 898 -15.58 15.98 -14.16
C PRO A 898 -16.59 15.85 -15.31
N GLU A 899 -16.17 15.35 -16.48
CA GLU A 899 -17.12 15.26 -17.59
C GLU A 899 -18.28 14.31 -17.26
N LYS A 900 -17.97 13.21 -16.56
CA LYS A 900 -19.00 12.27 -16.15
C LYS A 900 -20.00 12.94 -15.21
N VAL A 901 -19.52 13.69 -14.21
CA VAL A 901 -20.41 14.39 -13.31
C VAL A 901 -21.23 15.44 -14.08
N LEU A 902 -20.58 16.15 -14.99
CA LEU A 902 -21.25 17.22 -15.74
C LEU A 902 -22.38 16.66 -16.62
N GLU A 903 -22.11 15.54 -17.29
CA GLU A 903 -23.16 14.87 -18.07
C GLU A 903 -24.37 14.51 -17.20
N ALA A 904 -24.10 14.01 -16.01
CA ALA A 904 -25.18 13.66 -15.10
C ALA A 904 -25.92 14.90 -14.60
N LEU A 905 -25.19 15.99 -14.32
CA LEU A 905 -25.83 17.24 -13.90
C LEU A 905 -26.77 17.81 -14.94
N LYS A 906 -26.43 17.62 -16.21
CA LYS A 906 -27.18 18.26 -17.29
C LYS A 906 -28.24 17.38 -17.93
N ALA A 907 -28.28 16.10 -17.55
CA ALA A 907 -29.25 15.18 -18.12
C ALA A 907 -30.68 15.54 -17.79
#